data_8AW5
#
_entry.id   8AW5
#
_cell.length_a   1.00
_cell.length_b   1.00
_cell.length_c   1.00
_cell.angle_alpha   90.00
_cell.angle_beta   90.00
_cell.angle_gamma   90.00
#
_symmetry.space_group_name_H-M   'P 1'
#
loop_
_entity.id
_entity.type
_entity.pdbx_description
1 polymer 'Heme O oxygenase'
2 non-polymer 'PROTOPORPHYRIN IX CONTAINING FE'
3 non-polymer '(2S)-3-(hexadecanoyloxy)-2-[(9Z)-octadec-9-enoyloxy]propyl 2-(trimethylammonio)ethyl phosphate'
#
_entity_poly.entity_id   1
_entity_poly.type   'polypeptide(L)'
_entity_poly.pdbx_seq_one_letter_code
;GMNTNLKSSPLKTLVLASVVLTYVLMVFGGIVTSTGSGLGCPDWPLCHGQLLPFQLKEQIPTPPAPVVAPTPLQPWIEQT
HRILGGITGIVLLATLFYAFKRGTSFVKKALVFIFIALILEALLGMRVVITEAPLLRELLHYVYTSAHLILSVFILSTIT
ITYYYVKFFGERPKEYIPYADALYVATMFQILLGIFVRYVKALEYNQFVYYLHITYAGFLVILSLFIMFKEFNKYSLITF
LLMTAQILAGVATVISGFFLPYLFLHIAIGFFIVLWVSYLVAPSVLKTYTEFRGELARNSSAWSHPQFEK
;
_entity_poly.pdbx_strand_id   A,B,C
#
# COMPACT_ATOMS: atom_id res chain seq x y z
N PRO A 10 -14.09 -35.64 -15.96
CA PRO A 10 -12.86 -36.23 -15.42
C PRO A 10 -11.80 -35.18 -15.10
N LEU A 11 -11.73 -34.14 -15.94
CA LEU A 11 -10.76 -33.08 -15.70
C LEU A 11 -11.13 -32.27 -14.46
N LYS A 12 -12.42 -32.04 -14.23
CA LYS A 12 -12.85 -31.28 -13.06
C LYS A 12 -12.46 -32.00 -11.77
N THR A 13 -12.67 -33.33 -11.73
CA THR A 13 -12.26 -34.08 -10.55
C THR A 13 -10.76 -34.00 -10.34
N LEU A 14 -9.98 -34.08 -11.42
CA LEU A 14 -8.53 -34.00 -11.32
C LEU A 14 -8.08 -32.65 -10.79
N VAL A 15 -8.66 -31.56 -11.30
CA VAL A 15 -8.23 -30.23 -10.84
C VAL A 15 -8.66 -30.01 -9.39
N LEU A 16 -9.85 -30.48 -9.01
CA LEU A 16 -10.26 -30.35 -7.61
C LEU A 16 -9.34 -31.14 -6.69
N ALA A 17 -8.98 -32.36 -7.09
CA ALA A 17 -8.06 -33.16 -6.29
C ALA A 17 -6.70 -32.50 -6.21
N SER A 18 -6.24 -31.89 -7.30
CA SER A 18 -4.95 -31.21 -7.27
C SER A 18 -5.00 -29.99 -6.38
N VAL A 19 -6.11 -29.25 -6.37
CA VAL A 19 -6.26 -28.12 -5.46
C VAL A 19 -6.15 -28.60 -4.02
N VAL A 20 -6.93 -29.63 -3.68
CA VAL A 20 -6.90 -30.18 -2.29
C VAL A 20 -5.47 -30.62 -1.97
N LEU A 21 -4.90 -31.50 -2.78
CA LEU A 21 -3.54 -32.03 -2.48
C LEU A 21 -2.54 -30.88 -2.32
N THR A 22 -2.57 -29.89 -3.23
CA THR A 22 -1.60 -28.80 -3.14
C THR A 22 -1.77 -28.04 -1.83
N TYR A 23 -3.01 -27.73 -1.45
CA TYR A 23 -3.24 -27.02 -0.20
C TYR A 23 -2.76 -27.84 0.99
N VAL A 24 -3.09 -29.14 1.02
CA VAL A 24 -2.71 -29.97 2.15
C VAL A 24 -1.20 -30.14 2.22
N LEU A 25 -0.55 -30.32 1.07
CA LEU A 25 0.90 -30.46 1.06
C LEU A 25 1.58 -29.18 1.53
N MET A 26 1.10 -28.03 1.08
CA MET A 26 1.69 -26.76 1.50
C MET A 26 1.52 -26.56 3.00
N VAL A 27 0.32 -26.84 3.51
CA VAL A 27 0.07 -26.70 4.94
C VAL A 27 0.95 -27.65 5.74
N PHE A 28 1.01 -28.85 5.37
CA PHE A 28 1.84 -29.92 5.98
C PHE A 28 3.31 -29.47 6.01
N GLY A 29 3.84 -29.03 4.87
CA GLY A 29 5.21 -28.56 4.84
C GLY A 29 5.44 -27.42 5.81
N GLY A 30 4.50 -26.48 5.87
CA GLY A 30 4.59 -25.42 6.87
C GLY A 30 4.37 -25.88 8.30
N ILE A 31 3.90 -27.12 8.46
CA ILE A 31 3.71 -27.68 9.83
C ILE A 31 4.93 -28.50 10.28
N VAL A 32 5.69 -29.02 9.28
CA VAL A 32 6.89 -29.84 9.65
C VAL A 32 8.02 -28.82 9.72
N THR A 33 8.10 -27.99 8.67
CA THR A 33 9.15 -26.96 8.63
C THR A 33 8.95 -25.97 9.78
N SER A 34 7.80 -25.95 10.45
CA SER A 34 7.70 -24.95 11.55
C SER A 34 8.71 -25.32 12.64
N THR A 35 9.86 -24.62 12.71
CA THR A 35 10.89 -24.98 13.72
C THR A 35 10.90 -26.49 13.98
N GLY A 36 10.86 -27.26 12.90
CA GLY A 36 10.97 -28.73 13.00
C GLY A 36 11.99 -29.24 12.01
N SER A 37 13.24 -28.76 12.09
CA SER A 37 14.32 -29.33 11.23
C SER A 37 14.66 -30.69 11.82
N GLY A 38 14.40 -30.86 13.11
CA GLY A 38 14.63 -32.15 13.80
C GLY A 38 13.38 -32.37 14.63
N LEU A 39 12.40 -31.48 14.53
CA LEU A 39 11.18 -31.57 15.36
C LEU A 39 11.60 -31.93 16.79
N GLY A 40 12.38 -31.07 17.44
CA GLY A 40 12.89 -31.37 18.80
C GLY A 40 11.84 -31.12 19.87
N CYS A 41 12.13 -31.25 21.07
CA CYS A 41 11.30 -31.03 22.29
C CYS A 41 10.31 -32.19 22.43
N PRO A 42 9.89 -32.55 23.67
CA PRO A 42 9.03 -33.71 23.90
C PRO A 42 7.64 -33.45 23.30
N ASP A 43 7.15 -32.22 23.43
CA ASP A 43 5.81 -31.85 22.88
C ASP A 43 5.95 -31.70 21.36
N TRP A 44 5.91 -32.82 20.63
CA TRP A 44 6.01 -32.77 19.15
C TRP A 44 5.24 -31.54 18.64
N PRO A 45 3.95 -31.36 18.98
CA PRO A 45 3.16 -30.23 18.52
C PRO A 45 2.76 -29.26 19.63
N LEU A 46 3.42 -29.30 20.79
CA LEU A 46 3.00 -28.44 21.93
C LEU A 46 4.25 -27.79 22.52
N CYS A 47 5.26 -27.54 21.70
CA CYS A 47 6.50 -26.86 22.16
C CYS A 47 6.88 -25.61 21.38
N HIS A 48 6.97 -24.46 22.05
CA HIS A 48 7.25 -23.20 21.32
C HIS A 48 8.31 -23.28 20.22
N GLY A 49 8.02 -22.67 19.06
CA GLY A 49 8.99 -22.63 17.99
C GLY A 49 9.99 -21.51 18.15
N GLN A 50 10.82 -21.34 17.12
CA GLN A 50 11.83 -20.30 17.14
C GLN A 50 11.19 -18.92 17.05
N LEU A 51 11.64 -18.02 17.91
CA LEU A 51 11.20 -16.64 17.85
C LEU A 51 11.84 -15.94 16.65
N LEU A 52 11.32 -14.76 16.32
CA LEU A 52 11.91 -13.96 15.27
C LEU A 52 13.29 -13.47 15.70
N PRO A 53 14.23 -13.35 14.75
CA PRO A 53 15.61 -13.03 15.13
C PRO A 53 15.77 -11.76 15.95
N PHE A 54 14.98 -10.72 15.69
CA PHE A 54 15.10 -9.49 16.46
C PHE A 54 14.57 -9.66 17.88
N GLN A 55 13.77 -10.70 18.14
CA GLN A 55 13.23 -10.94 19.46
C GLN A 55 14.18 -11.73 20.35
N LEU A 56 15.35 -12.11 19.84
CA LEU A 56 16.32 -12.85 20.63
C LEU A 56 17.45 -11.95 21.11
N LEU A 73 10.88 -35.90 16.70
CA LEU A 73 11.28 -36.34 15.37
C LEU A 73 10.63 -37.66 14.99
N GLN A 74 9.31 -37.64 14.88
CA GLN A 74 8.58 -38.85 14.50
C GLN A 74 8.84 -39.16 13.03
N PRO A 75 9.30 -40.37 12.69
CA PRO A 75 9.41 -40.73 11.27
C PRO A 75 8.07 -40.79 10.57
N TRP A 76 6.98 -40.90 11.33
CA TRP A 76 5.63 -40.89 10.72
C TRP A 76 5.44 -39.61 9.92
N ILE A 77 5.65 -38.38 10.66
CA ILE A 77 5.31 -37.14 9.90
C ILE A 77 6.14 -37.07 8.62
N GLU A 78 7.40 -37.46 8.68
CA GLU A 78 8.27 -37.34 7.50
C GLU A 78 7.83 -38.29 6.39
N GLN A 79 7.49 -39.52 6.73
CA GLN A 79 7.09 -40.48 5.70
C GLN A 79 5.75 -40.09 5.09
N THR A 80 4.81 -39.58 5.90
CA THR A 80 3.54 -39.16 5.33
C THR A 80 3.70 -37.88 4.52
N HIS A 81 4.65 -37.02 4.87
CA HIS A 81 4.96 -35.88 4.03
C HIS A 81 5.49 -36.32 2.67
N ARG A 82 6.38 -37.32 2.65
CA ARG A 82 6.88 -37.85 1.39
C ARG A 82 5.76 -38.48 0.57
N ILE A 83 4.88 -39.24 1.22
CA ILE A 83 3.77 -39.87 0.53
C ILE A 83 2.84 -38.81 -0.05
N LEU A 84 2.55 -37.76 0.71
CA LEU A 84 1.69 -36.69 0.23
C LEU A 84 2.31 -35.97 -0.96
N GLY A 85 3.62 -35.70 -0.90
CA GLY A 85 4.28 -35.10 -2.04
C GLY A 85 4.21 -35.98 -3.28
N GLY A 86 4.43 -37.28 -3.10
CA GLY A 86 4.35 -38.18 -4.24
C GLY A 86 2.96 -38.23 -4.86
N ILE A 87 1.93 -38.34 -4.02
CA ILE A 87 0.58 -38.46 -4.54
C ILE A 87 0.13 -37.16 -5.19
N THR A 88 0.52 -36.00 -4.62
CA THR A 88 0.14 -34.75 -5.27
C THR A 88 0.90 -34.54 -6.56
N GLY A 89 2.15 -35.02 -6.66
CA GLY A 89 2.85 -34.98 -7.93
C GLY A 89 2.17 -35.85 -8.97
N ILE A 90 1.73 -37.04 -8.54
CA ILE A 90 1.02 -37.97 -9.47
C ILE A 90 -0.19 -37.23 -10.05
N VAL A 91 -1.07 -36.75 -9.18
CA VAL A 91 -2.31 -36.07 -9.65
C VAL A 91 -1.90 -34.89 -10.54
N LEU A 92 -0.97 -34.03 -10.09
CA LEU A 92 -0.64 -32.93 -10.97
C LEU A 92 -0.24 -33.42 -12.36
N LEU A 93 0.51 -34.52 -12.43
CA LEU A 93 0.86 -35.08 -13.72
C LEU A 93 -0.37 -35.57 -14.48
N ALA A 94 -1.30 -36.22 -13.77
CA ALA A 94 -2.53 -36.66 -14.41
C ALA A 94 -3.35 -35.48 -14.93
N THR A 95 -3.41 -34.40 -14.13
CA THR A 95 -4.12 -33.20 -14.56
C THR A 95 -3.44 -32.57 -15.78
N LEU A 96 -2.11 -32.56 -15.80
CA LEU A 96 -1.40 -32.03 -16.96
C LEU A 96 -1.69 -32.85 -18.20
N PHE A 97 -1.70 -34.18 -18.07
CA PHE A 97 -1.99 -35.03 -19.22
C PHE A 97 -3.42 -34.84 -19.71
N TYR A 98 -4.37 -34.73 -18.79
CA TYR A 98 -5.77 -34.54 -19.19
C TYR A 98 -6.07 -33.11 -19.64
N ALA A 99 -5.20 -32.15 -19.36
CA ALA A 99 -5.40 -30.81 -19.87
C ALA A 99 -5.31 -30.77 -21.38
N PHE A 100 -4.33 -31.46 -21.96
CA PHE A 100 -4.17 -31.47 -23.40
C PHE A 100 -5.13 -32.42 -24.09
N LYS A 101 -5.78 -33.27 -23.30
CA LYS A 101 -6.81 -34.21 -23.81
C LYS A 101 -8.19 -33.65 -23.41
N ARG A 102 -8.97 -33.20 -24.40
CA ARG A 102 -10.34 -32.64 -24.19
C ARG A 102 -10.29 -31.46 -23.22
N GLY A 103 -9.29 -30.58 -23.34
CA GLY A 103 -9.17 -29.40 -22.48
C GLY A 103 -9.03 -28.12 -23.29
N THR A 104 -9.39 -26.96 -22.71
CA THR A 104 -9.29 -25.70 -23.43
C THR A 104 -7.87 -25.15 -23.33
N SER A 105 -7.63 -24.03 -24.01
CA SER A 105 -6.32 -23.40 -23.98
C SER A 105 -5.99 -22.84 -22.61
N PHE A 106 -6.99 -22.35 -21.89
CA PHE A 106 -6.77 -21.79 -20.56
C PHE A 106 -6.21 -22.86 -19.62
N VAL A 107 -6.80 -24.06 -19.64
CA VAL A 107 -6.34 -25.12 -18.75
C VAL A 107 -4.94 -25.60 -19.13
N LYS A 108 -4.64 -25.64 -20.43
CA LYS A 108 -3.31 -26.03 -20.86
C LYS A 108 -2.28 -25.02 -20.38
N LYS A 109 -2.57 -23.72 -20.55
CA LYS A 109 -1.64 -22.69 -20.11
C LYS A 109 -1.45 -22.73 -18.60
N ALA A 110 -2.57 -22.88 -17.87
CA ALA A 110 -2.50 -22.93 -16.40
C ALA A 110 -1.58 -24.08 -15.98
N LEU A 111 -1.86 -25.28 -16.47
CA LEU A 111 -1.02 -26.46 -16.14
C LEU A 111 0.44 -26.14 -16.47
N VAL A 112 0.71 -25.65 -17.68
CA VAL A 112 2.08 -25.36 -18.07
C VAL A 112 2.74 -24.42 -17.06
N PHE A 113 1.97 -23.47 -16.54
CA PHE A 113 2.59 -22.50 -15.61
C PHE A 113 2.82 -23.19 -14.26
N ILE A 114 1.94 -24.13 -13.89
CA ILE A 114 2.15 -24.89 -12.65
C ILE A 114 3.38 -25.76 -12.76
N PHE A 115 3.56 -26.45 -13.88
CA PHE A 115 4.72 -27.33 -14.00
C PHE A 115 6.00 -26.56 -14.23
N ILE A 116 5.95 -25.37 -14.84
CA ILE A 116 7.12 -24.52 -14.88
C ILE A 116 7.54 -24.11 -13.47
N ALA A 117 6.56 -23.77 -12.62
CA ALA A 117 6.87 -23.46 -11.24
C ALA A 117 7.44 -24.66 -10.50
N LEU A 118 6.92 -25.86 -10.78
CA LEU A 118 7.46 -27.06 -10.16
C LEU A 118 8.90 -27.32 -10.60
N ILE A 119 9.18 -27.11 -11.88
CA ILE A 119 10.55 -27.26 -12.38
C ILE A 119 11.47 -26.24 -11.73
N LEU A 120 10.96 -25.01 -11.53
CA LEU A 120 11.74 -24.00 -10.83
C LEU A 120 12.03 -24.40 -9.40
N GLU A 121 11.04 -24.98 -8.71
CA GLU A 121 11.27 -25.49 -7.36
C GLU A 121 12.34 -26.59 -7.36
N ALA A 122 12.26 -27.50 -8.33
CA ALA A 122 13.26 -28.56 -8.43
C ALA A 122 14.65 -27.98 -8.64
N LEU A 123 14.78 -26.99 -9.51
CA LEU A 123 16.07 -26.34 -9.72
C LEU A 123 16.57 -25.64 -8.47
N LEU A 124 15.65 -25.00 -7.74
CA LEU A 124 16.03 -24.40 -6.46
C LEU A 124 16.52 -25.45 -5.47
N GLY A 125 15.98 -26.67 -5.57
CA GLY A 125 16.52 -27.77 -4.78
C GLY A 125 17.98 -28.05 -5.09
N MET A 126 18.35 -27.95 -6.36
CA MET A 126 19.75 -28.07 -6.78
C MET A 126 20.50 -26.80 -6.39
N ARG A 127 21.23 -26.84 -5.28
CA ARG A 127 21.85 -25.64 -4.73
C ARG A 127 23.33 -25.67 -5.08
N VAL A 128 23.58 -25.75 -6.40
CA VAL A 128 24.98 -25.72 -6.91
C VAL A 128 25.55 -24.44 -6.34
N VAL A 129 26.78 -24.49 -5.83
CA VAL A 129 27.35 -23.32 -5.17
C VAL A 129 27.72 -22.22 -6.16
N ILE A 130 27.02 -21.10 -6.08
CA ILE A 130 27.33 -19.94 -6.97
C ILE A 130 28.53 -19.21 -6.39
N THR A 131 28.44 -18.76 -5.14
CA THR A 131 29.59 -18.09 -4.47
C THR A 131 29.63 -18.52 -3.00
N GLU A 132 30.83 -18.73 -2.46
CA GLU A 132 30.98 -19.18 -1.05
C GLU A 132 30.98 -17.97 -0.13
N ALA A 133 30.86 -16.76 -0.70
CA ALA A 133 30.81 -15.54 0.13
C ALA A 133 29.74 -15.72 1.22
N PRO A 134 30.10 -15.64 2.52
CA PRO A 134 29.13 -15.89 3.59
C PRO A 134 27.88 -15.00 3.44
N LEU A 135 28.10 -13.70 3.22
CA LEU A 135 26.96 -12.76 3.02
C LEU A 135 26.08 -13.21 1.86
N LEU A 136 26.65 -13.30 0.66
CA LEU A 136 25.88 -13.71 -0.50
C LEU A 136 25.40 -15.15 -0.39
N ARG A 137 26.08 -15.99 0.38
CA ARG A 137 25.56 -17.32 0.69
C ARG A 137 24.29 -17.26 1.52
N GLU A 138 24.33 -16.48 2.60
CA GLU A 138 23.14 -16.36 3.48
C GLU A 138 21.97 -15.76 2.67
N LEU A 139 22.24 -14.68 1.94
CA LEU A 139 21.19 -14.04 1.10
C LEU A 139 20.59 -15.09 0.16
N LEU A 140 21.45 -15.81 -0.57
CA LEU A 140 20.94 -16.79 -1.53
C LEU A 140 20.14 -17.88 -0.84
N HIS A 141 20.53 -18.25 0.39
CA HIS A 141 19.72 -19.19 1.16
C HIS A 141 18.34 -18.62 1.43
N TYR A 142 18.30 -17.34 1.83
CA TYR A 142 17.01 -16.68 2.03
C TYR A 142 16.21 -16.65 0.73
N VAL A 143 16.87 -16.37 -0.39
CA VAL A 143 16.18 -16.29 -1.68
C VAL A 143 15.58 -17.64 -2.04
N TYR A 144 16.35 -18.72 -1.87
CA TYR A 144 15.84 -20.05 -2.18
C TYR A 144 14.65 -20.40 -1.30
N THR A 145 14.78 -20.18 0.02
CA THR A 145 13.72 -20.56 0.94
C THR A 145 12.44 -19.76 0.68
N SER A 146 12.57 -18.47 0.40
CA SER A 146 11.40 -17.65 0.13
C SER A 146 10.79 -17.99 -1.23
N ALA A 147 11.63 -18.26 -2.23
CA ALA A 147 11.13 -18.54 -3.57
C ALA A 147 10.38 -19.85 -3.62
N HIS A 148 10.79 -20.84 -2.81
CA HIS A 148 10.01 -22.08 -2.75
C HIS A 148 8.57 -21.80 -2.34
N LEU A 149 8.37 -21.03 -1.27
CA LEU A 149 7.02 -20.73 -0.82
C LEU A 149 6.28 -19.83 -1.79
N ILE A 150 6.98 -18.88 -2.43
CA ILE A 150 6.33 -18.03 -3.42
C ILE A 150 5.81 -18.86 -4.59
N LEU A 151 6.61 -19.82 -5.05
CA LEU A 151 6.17 -20.69 -6.13
C LEU A 151 5.03 -21.59 -5.68
N SER A 152 5.05 -22.05 -4.43
CA SER A 152 3.94 -22.84 -3.90
C SER A 152 2.65 -22.04 -3.91
N VAL A 153 2.72 -20.78 -3.46
CA VAL A 153 1.52 -19.94 -3.44
C VAL A 153 1.04 -19.66 -4.86
N PHE A 154 1.96 -19.43 -5.79
CA PHE A 154 1.56 -19.24 -7.18
C PHE A 154 0.86 -20.47 -7.73
N ILE A 155 1.39 -21.66 -7.43
CA ILE A 155 0.78 -22.90 -7.89
C ILE A 155 -0.63 -23.05 -7.32
N LEU A 156 -0.78 -22.77 -6.03
CA LEU A 156 -2.09 -22.89 -5.41
C LEU A 156 -3.10 -21.92 -6.02
N SER A 157 -2.69 -20.67 -6.24
CA SER A 157 -3.58 -19.69 -6.84
C SER A 157 -3.96 -20.09 -8.25
N THR A 158 -2.99 -20.52 -9.06
CA THR A 158 -3.27 -20.90 -10.44
C THR A 158 -4.20 -22.10 -10.48
N ILE A 159 -3.98 -23.10 -9.63
CA ILE A 159 -4.82 -24.29 -9.67
C ILE A 159 -6.22 -23.97 -9.16
N THR A 160 -6.36 -23.03 -8.22
CA THR A 160 -7.70 -22.64 -7.78
C THR A 160 -8.44 -21.90 -8.89
N ILE A 161 -7.75 -21.03 -9.62
CA ILE A 161 -8.40 -20.34 -10.73
C ILE A 161 -8.78 -21.35 -11.81
N THR A 162 -7.93 -22.34 -12.06
CA THR A 162 -8.26 -23.39 -13.02
C THR A 162 -9.47 -24.19 -12.57
N TYR A 163 -9.55 -24.52 -11.28
CA TYR A 163 -10.69 -25.25 -10.76
C TYR A 163 -11.97 -24.44 -10.92
N TYR A 164 -11.91 -23.13 -10.72
CA TYR A 164 -13.07 -22.31 -11.03
C TYR A 164 -13.39 -22.37 -12.51
N TYR A 165 -12.36 -22.35 -13.36
CA TYR A 165 -12.58 -22.29 -14.80
C TYR A 165 -13.29 -23.54 -15.31
N VAL A 166 -12.91 -24.72 -14.80
CA VAL A 166 -13.51 -25.95 -15.30
C VAL A 166 -14.99 -25.99 -14.92
N LYS A 167 -15.35 -25.50 -13.73
CA LYS A 167 -16.74 -25.26 -13.42
C LYS A 167 -17.21 -23.99 -14.13
N PHE A 168 -18.54 -23.81 -14.16
CA PHE A 168 -19.14 -22.62 -14.77
C PHE A 168 -18.68 -22.40 -16.21
N PHE A 169 -18.20 -23.46 -16.86
CA PHE A 169 -17.59 -23.29 -18.18
C PHE A 169 -18.59 -22.78 -19.20
N GLY A 170 -19.81 -23.32 -19.19
CA GLY A 170 -20.85 -22.81 -20.05
C GLY A 170 -21.73 -21.79 -19.37
N GLU A 171 -21.62 -21.72 -18.04
CA GLU A 171 -22.46 -20.83 -17.25
C GLU A 171 -21.95 -19.39 -17.35
N ARG A 172 -22.83 -18.46 -17.01
CA ARG A 172 -22.44 -17.05 -16.94
C ARG A 172 -21.72 -16.79 -15.63
N PRO A 173 -20.51 -16.26 -15.66
CA PRO A 173 -19.72 -16.11 -14.43
C PRO A 173 -20.22 -15.00 -13.53
N LYS A 174 -21.23 -15.30 -12.70
CA LYS A 174 -21.71 -14.32 -11.74
C LYS A 174 -20.62 -13.98 -10.73
N GLU A 175 -20.60 -12.72 -10.28
CA GLU A 175 -19.54 -12.28 -9.34
C GLU A 175 -19.90 -12.70 -7.91
N TYR A 176 -18.95 -12.55 -6.97
CA TYR A 176 -19.21 -12.95 -5.56
C TYR A 176 -18.99 -11.75 -4.63
N ILE A 177 -17.94 -10.96 -4.88
CA ILE A 177 -17.63 -9.79 -4.01
C ILE A 177 -17.38 -8.57 -4.90
N PRO A 178 -17.65 -7.33 -4.42
CA PRO A 178 -17.49 -6.12 -5.25
C PRO A 178 -16.05 -5.86 -5.71
N TYR A 179 -15.08 -6.13 -4.83
CA TYR A 179 -13.66 -5.82 -5.17
C TYR A 179 -12.79 -7.07 -4.99
N ALA A 180 -12.90 -8.04 -5.89
CA ALA A 180 -12.09 -9.27 -5.80
C ALA A 180 -10.65 -8.97 -6.24
N ASP A 181 -10.48 -8.21 -7.31
CA ASP A 181 -9.12 -7.93 -7.85
C ASP A 181 -8.23 -7.22 -6.81
N ALA A 182 -8.66 -6.06 -6.33
CA ALA A 182 -7.86 -5.31 -5.36
C ALA A 182 -7.65 -6.17 -4.12
N LEU A 183 -8.69 -6.90 -3.70
CA LEU A 183 -8.55 -7.80 -2.57
C LEU A 183 -7.51 -8.89 -2.85
N TYR A 184 -7.53 -9.44 -4.07
CA TYR A 184 -6.56 -10.46 -4.44
C TYR A 184 -5.15 -9.92 -4.37
N VAL A 185 -4.91 -8.73 -4.94
CA VAL A 185 -3.57 -8.17 -4.97
C VAL A 185 -3.08 -7.85 -3.56
N ALA A 186 -3.94 -7.22 -2.76
CA ALA A 186 -3.56 -6.89 -1.38
C ALA A 186 -3.29 -8.14 -0.56
N THR A 187 -4.12 -9.16 -0.72
CA THR A 187 -3.92 -10.41 0.01
C THR A 187 -2.63 -11.09 -0.41
N MET A 188 -2.32 -11.09 -1.71
CA MET A 188 -1.08 -11.70 -2.15
C MET A 188 0.13 -10.95 -1.62
N PHE A 189 0.05 -9.62 -1.56
CA PHE A 189 1.14 -8.86 -0.96
C PHE A 189 1.31 -9.19 0.53
N GLN A 190 0.19 -9.37 1.23
CA GLN A 190 0.27 -9.76 2.63
C GLN A 190 0.88 -11.17 2.79
N ILE A 191 0.53 -12.09 1.89
CA ILE A 191 1.12 -13.42 1.93
C ILE A 191 2.62 -13.34 1.69
N LEU A 192 3.04 -12.50 0.74
CA LEU A 192 4.45 -12.29 0.49
C LEU A 192 5.15 -11.74 1.72
N LEU A 193 4.51 -10.80 2.41
CA LEU A 193 5.07 -10.27 3.65
C LEU A 193 5.23 -11.37 4.70
N GLY A 194 4.22 -12.23 4.83
CA GLY A 194 4.32 -13.33 5.78
C GLY A 194 5.43 -14.29 5.45
N ILE A 195 5.60 -14.59 4.16
CA ILE A 195 6.69 -15.47 3.73
C ILE A 195 8.03 -14.83 4.07
N PHE A 196 8.18 -13.53 3.83
CA PHE A 196 9.42 -12.85 4.17
C PHE A 196 9.69 -12.89 5.66
N VAL A 197 8.65 -12.68 6.48
CA VAL A 197 8.81 -12.77 7.93
C VAL A 197 9.28 -14.17 8.32
N ARG A 198 8.66 -15.19 7.72
CA ARG A 198 8.98 -16.56 8.09
C ARG A 198 10.41 -16.93 7.72
N TYR A 199 10.86 -16.54 6.52
CA TYR A 199 12.09 -17.08 5.98
C TYR A 199 13.26 -16.10 5.89
N VAL A 200 12.97 -14.83 5.61
CA VAL A 200 14.06 -13.81 5.47
C VAL A 200 14.52 -13.38 6.87
N LYS A 201 15.63 -13.98 7.36
CA LYS A 201 16.11 -13.68 8.73
C LYS A 201 17.28 -12.68 8.65
N ALA A 202 17.07 -11.53 7.97
CA ALA A 202 18.11 -10.50 7.86
C ALA A 202 18.14 -9.65 9.13
N LEU A 203 17.39 -10.06 10.16
CA LEU A 203 17.39 -9.33 11.46
C LEU A 203 16.83 -7.90 11.45
N GLU A 204 17.42 -7.00 10.66
CA GLU A 204 17.00 -5.58 10.70
C GLU A 204 15.83 -5.66 9.71
N TYR A 205 16.06 -6.42 8.56
CA TYR A 205 14.95 -6.46 7.60
C TYR A 205 13.83 -7.37 8.10
N ASN A 206 14.16 -8.42 8.85
CA ASN A 206 13.12 -9.27 9.39
C ASN A 206 12.23 -8.51 10.36
N GLN A 207 12.84 -7.69 11.23
CA GLN A 207 12.04 -6.87 12.13
C GLN A 207 11.17 -5.88 11.35
N PHE A 208 11.75 -5.24 10.33
CA PHE A 208 10.97 -4.31 9.52
C PHE A 208 9.80 -5.00 8.86
N VAL A 209 10.02 -6.16 8.25
CA VAL A 209 8.98 -6.82 7.49
C VAL A 209 7.93 -7.41 8.44
N TYR A 210 8.32 -7.79 9.65
CA TYR A 210 7.34 -8.23 10.63
C TYR A 210 6.43 -7.08 11.05
N TYR A 211 7.01 -5.91 11.31
CA TYR A 211 6.19 -4.75 11.62
C TYR A 211 5.35 -4.23 10.47
N LEU A 212 5.76 -4.56 9.23
CA LEU A 212 5.00 -4.12 8.07
C LEU A 212 3.87 -5.14 7.89
N HIS A 213 4.14 -6.40 8.19
CA HIS A 213 3.12 -7.44 8.10
C HIS A 213 1.98 -7.17 9.08
N ILE A 214 2.33 -6.98 10.36
CA ILE A 214 1.29 -6.76 11.40
C ILE A 214 0.50 -5.49 11.10
N THR A 215 1.13 -4.50 10.46
CA THR A 215 0.46 -3.20 10.19
C THR A 215 -0.42 -3.32 8.94
N TYR A 216 0.08 -3.98 7.89
CA TYR A 216 -0.70 -4.18 6.67
C TYR A 216 -1.89 -5.10 6.89
N ALA A 217 -1.85 -5.92 7.95
CA ALA A 217 -3.05 -6.64 8.34
C ALA A 217 -4.21 -5.69 8.59
N GLY A 218 -3.93 -4.51 9.15
CA GLY A 218 -4.97 -3.52 9.35
C GLY A 218 -5.55 -3.01 8.05
N PHE A 219 -4.69 -2.79 7.04
CA PHE A 219 -5.19 -2.41 5.73
C PHE A 219 -6.08 -3.48 5.16
N LEU A 220 -5.70 -4.75 5.32
CA LEU A 220 -6.54 -5.84 4.84
C LEU A 220 -7.89 -5.85 5.54
N VAL A 221 -7.89 -5.62 6.86
CA VAL A 221 -9.15 -5.59 7.60
C VAL A 221 -10.03 -4.44 7.10
N ILE A 222 -9.44 -3.27 6.88
CA ILE A 222 -10.21 -2.12 6.41
C ILE A 222 -10.80 -2.41 5.03
N LEU A 223 -9.99 -3.01 4.15
CA LEU A 223 -10.47 -3.32 2.80
C LEU A 223 -11.60 -4.35 2.85
N SER A 224 -11.47 -5.36 3.69
CA SER A 224 -12.53 -6.35 3.81
C SER A 224 -13.81 -5.72 4.36
N LEU A 225 -13.68 -4.84 5.34
CA LEU A 225 -14.84 -4.14 5.88
C LEU A 225 -15.52 -3.30 4.80
N PHE A 226 -14.74 -2.59 4.00
CA PHE A 226 -15.32 -1.79 2.94
C PHE A 226 -15.99 -2.65 1.88
N ILE A 227 -15.45 -3.71 1.50
CA ILE A 227 -16.02 -4.72 0.61
C ILE A 227 -17.34 -5.21 1.14
N MET A 228 -17.38 -5.57 2.43
CA MET A 228 -18.61 -6.01 3.05
C MET A 228 -19.66 -4.91 3.07
N PHE A 229 -19.25 -3.66 3.28
CA PHE A 229 -20.17 -2.54 3.22
C PHE A 229 -20.71 -2.33 1.81
N LYS A 230 -19.84 -2.45 0.80
CA LYS A 230 -20.26 -2.20 -0.58
C LYS A 230 -21.31 -3.22 -1.03
N GLU A 231 -21.15 -4.49 -0.67
CA GLU A 231 -22.12 -5.51 -0.99
C GLU A 231 -22.02 -6.62 0.04
N PHE A 232 -23.00 -6.71 0.93
CA PHE A 232 -22.99 -7.69 1.99
C PHE A 232 -23.66 -8.98 1.51
N ASN A 233 -22.89 -10.05 1.45
CA ASN A 233 -23.42 -11.38 1.19
C ASN A 233 -22.62 -12.36 2.05
N LYS A 234 -22.79 -13.66 1.80
CA LYS A 234 -22.04 -14.64 2.57
C LYS A 234 -20.56 -14.60 2.24
N TYR A 235 -20.20 -14.28 1.00
CA TYR A 235 -18.80 -14.26 0.61
C TYR A 235 -18.04 -13.12 1.28
N SER A 236 -18.64 -11.92 1.34
CA SER A 236 -18.00 -10.81 2.02
C SER A 236 -17.82 -11.09 3.49
N LEU A 237 -18.85 -11.65 4.13
CA LEU A 237 -18.76 -11.99 5.54
C LEU A 237 -17.69 -13.04 5.79
N ILE A 238 -17.61 -14.04 4.92
CA ILE A 238 -16.59 -15.08 5.09
C ILE A 238 -15.20 -14.51 4.88
N THR A 239 -15.05 -13.58 3.93
CA THR A 239 -13.75 -12.94 3.72
C THR A 239 -13.33 -12.16 4.95
N PHE A 240 -14.24 -11.37 5.51
CA PHE A 240 -13.91 -10.60 6.71
C PHE A 240 -13.60 -11.51 7.89
N LEU A 241 -14.37 -12.60 8.04
CA LEU A 241 -14.13 -13.52 9.13
C LEU A 241 -12.80 -14.24 8.97
N LEU A 242 -12.43 -14.58 7.74
CA LEU A 242 -11.13 -15.21 7.50
C LEU A 242 -9.99 -14.25 7.84
N MET A 243 -10.12 -12.98 7.44
CA MET A 243 -9.10 -12.01 7.80
C MET A 243 -9.02 -11.99 9.32
N THR A 244 -10.11 -11.65 9.99
CA THR A 244 -10.12 -11.61 11.45
C THR A 244 -9.62 -12.85 12.19
N ALA A 245 -9.82 -14.04 11.61
CA ALA A 245 -9.37 -15.26 12.25
C ALA A 245 -7.87 -15.38 12.02
N GLN A 246 -7.39 -14.99 10.85
CA GLN A 246 -5.95 -15.02 10.60
C GLN A 246 -5.19 -14.00 11.45
N ILE A 247 -5.75 -12.83 11.62
CA ILE A 247 -5.10 -11.75 12.41
C ILE A 247 -5.05 -12.28 13.83
N LEU A 248 -6.22 -12.57 14.41
CA LEU A 248 -6.27 -13.16 15.77
C LEU A 248 -5.22 -14.26 15.93
N ALA A 249 -5.19 -15.23 15.00
CA ALA A 249 -4.23 -16.35 15.10
C ALA A 249 -2.81 -15.81 15.09
N GLY A 250 -2.49 -14.93 14.13
CA GLY A 250 -1.15 -14.33 14.06
C GLY A 250 -0.76 -13.72 15.39
N VAL A 251 -1.63 -12.89 15.96
CA VAL A 251 -1.35 -12.24 17.28
C VAL A 251 -1.07 -13.32 18.31
N ALA A 252 -1.98 -14.29 18.44
CA ALA A 252 -1.82 -15.38 19.43
C ALA A 252 -0.41 -15.98 19.28
N THR A 253 -0.10 -16.48 18.08
CA THR A 253 1.25 -17.02 17.82
C THR A 253 2.27 -16.10 18.49
N VAL A 254 2.12 -14.79 18.31
CA VAL A 254 3.07 -13.80 18.93
C VAL A 254 2.81 -13.53 20.42
N ILE A 255 1.55 -13.56 20.85
CA ILE A 255 1.24 -13.21 22.28
C ILE A 255 2.13 -14.05 23.19
N SER A 256 2.23 -15.36 22.91
CA SER A 256 3.04 -16.27 23.76
C SER A 256 4.05 -17.06 22.92
N GLY A 257 5.32 -16.62 22.90
CA GLY A 257 6.38 -17.37 22.19
C GLY A 257 5.99 -17.76 20.77
N PHE A 258 6.07 -19.06 20.45
CA PHE A 258 5.71 -19.55 19.10
C PHE A 258 5.05 -20.92 19.25
N PHE A 259 3.99 -21.03 20.06
CA PHE A 259 3.34 -22.34 20.30
C PHE A 259 3.10 -23.05 18.96
N LEU A 260 3.45 -24.33 18.83
CA LEU A 260 3.27 -24.93 17.48
C LEU A 260 1.80 -24.89 17.07
N PRO A 261 0.81 -25.32 17.90
CA PRO A 261 -0.58 -25.34 17.43
C PRO A 261 -1.06 -23.98 16.91
N TYR A 262 -0.69 -22.88 17.58
CA TYR A 262 -1.10 -21.53 17.13
C TYR A 262 -0.42 -21.22 15.79
N LEU A 263 0.89 -21.51 15.71
CA LEU A 263 1.69 -21.30 14.48
C LEU A 263 1.09 -22.08 13.31
N PHE A 264 0.57 -23.29 13.58
CA PHE A 264 -0.02 -24.13 12.52
C PHE A 264 -1.33 -23.48 12.05
N LEU A 265 -2.27 -23.25 12.97
CA LEU A 265 -3.55 -22.69 12.56
C LEU A 265 -3.35 -21.45 11.72
N HIS A 266 -2.37 -20.62 12.08
CA HIS A 266 -2.05 -19.42 11.31
C HIS A 266 -1.65 -19.79 9.87
N ILE A 267 -0.78 -20.79 9.73
CA ILE A 267 -0.33 -21.23 8.40
C ILE A 267 -1.50 -21.74 7.59
N ALA A 268 -2.34 -22.60 8.21
CA ALA A 268 -3.47 -23.18 7.51
C ALA A 268 -4.45 -22.10 7.05
N ILE A 269 -4.75 -21.14 7.92
CA ILE A 269 -5.69 -20.09 7.57
C ILE A 269 -5.10 -19.19 6.48
N GLY A 270 -3.79 -18.93 6.54
CA GLY A 270 -3.18 -18.10 5.50
C GLY A 270 -3.25 -18.74 4.13
N PHE A 271 -2.93 -20.03 4.06
CA PHE A 271 -2.99 -20.69 2.75
C PHE A 271 -4.43 -20.85 2.28
N PHE A 272 -5.38 -21.07 3.19
CA PHE A 272 -6.76 -21.10 2.75
C PHE A 272 -7.22 -19.72 2.29
N ILE A 273 -6.74 -18.65 2.91
CA ILE A 273 -7.00 -17.31 2.40
C ILE A 273 -6.46 -17.11 0.99
N VAL A 274 -5.28 -17.65 0.71
CA VAL A 274 -4.75 -17.62 -0.65
C VAL A 274 -5.75 -18.29 -1.61
N LEU A 275 -6.18 -19.51 -1.25
CA LEU A 275 -7.14 -20.24 -2.08
C LEU A 275 -8.44 -19.46 -2.24
N TRP A 276 -8.92 -18.88 -1.14
CA TRP A 276 -10.20 -18.19 -1.14
C TRP A 276 -10.17 -16.95 -2.03
N VAL A 277 -9.11 -16.16 -1.94
CA VAL A 277 -9.04 -14.95 -2.76
C VAL A 277 -8.83 -15.32 -4.22
N SER A 278 -8.10 -16.41 -4.51
CA SER A 278 -7.99 -16.86 -5.89
C SER A 278 -9.35 -17.23 -6.45
N TYR A 279 -10.13 -17.99 -5.67
CA TYR A 279 -11.46 -18.40 -6.11
C TYR A 279 -12.39 -17.20 -6.28
N LEU A 280 -12.26 -16.21 -5.41
CA LEU A 280 -13.11 -15.02 -5.51
C LEU A 280 -12.72 -14.11 -6.67
N VAL A 281 -11.42 -14.09 -7.01
CA VAL A 281 -10.96 -13.23 -8.14
C VAL A 281 -11.25 -13.89 -9.49
N ALA A 282 -11.30 -15.23 -9.54
CA ALA A 282 -11.49 -15.91 -10.82
C ALA A 282 -12.69 -15.40 -11.62
N PRO A 283 -13.88 -15.24 -11.05
CA PRO A 283 -15.01 -14.74 -11.87
C PRO A 283 -14.89 -13.34 -12.45
N SER A 284 -14.14 -12.48 -11.78
CA SER A 284 -13.97 -11.08 -12.25
C SER A 284 -13.10 -11.09 -13.50
N VAL A 285 -12.03 -11.89 -13.50
CA VAL A 285 -11.11 -11.94 -14.66
C VAL A 285 -11.77 -12.75 -15.79
N LEU A 286 -12.45 -13.84 -15.45
CA LEU A 286 -13.01 -14.68 -16.51
C LEU A 286 -14.28 -14.11 -17.12
N LYS A 287 -14.89 -13.07 -16.52
CA LYS A 287 -16.10 -12.50 -17.10
C LYS A 287 -15.83 -11.85 -18.46
N THR A 288 -14.58 -11.50 -18.76
CA THR A 288 -14.21 -10.89 -20.03
C THR A 288 -13.77 -11.92 -21.06
N TYR A 289 -13.87 -13.20 -20.75
CA TYR A 289 -13.49 -14.26 -21.68
C TYR A 289 -14.73 -14.74 -22.44
N THR A 290 -14.53 -15.71 -23.32
CA THR A 290 -15.59 -16.29 -24.12
C THR A 290 -15.83 -17.73 -23.70
N GLU A 291 -17.09 -18.13 -23.67
CA GLU A 291 -17.49 -19.49 -23.30
C GLU A 291 -17.01 -19.85 -21.91
N PRO B 10 3.60 20.15 -36.12
CA PRO B 10 4.77 20.79 -35.51
C PRO B 10 4.78 20.67 -34.00
N LEU B 11 3.58 20.73 -33.39
CA LEU B 11 3.49 20.59 -31.94
C LEU B 11 3.83 19.17 -31.50
N LYS B 12 3.41 18.18 -32.27
CA LYS B 12 3.69 16.78 -31.92
C LYS B 12 5.20 16.53 -31.91
N THR B 13 5.92 17.04 -32.91
CA THR B 13 7.37 16.89 -32.92
C THR B 13 7.99 17.57 -31.71
N LEU B 14 7.50 18.76 -31.37
CA LEU B 14 8.05 19.48 -30.22
C LEU B 14 7.83 18.72 -28.92
N VAL B 15 6.63 18.17 -28.71
CA VAL B 15 6.36 17.46 -27.47
C VAL B 15 7.15 16.16 -27.41
N LEU B 16 7.30 15.46 -28.55
CA LEU B 16 8.11 14.25 -28.56
C LEU B 16 9.57 14.57 -28.24
N ALA B 17 10.10 15.64 -28.84
CA ALA B 17 11.46 16.04 -28.55
C ALA B 17 11.62 16.44 -27.10
N SER B 18 10.62 17.11 -26.53
CA SER B 18 10.70 17.49 -25.12
C SER B 18 10.65 16.27 -24.22
N VAL B 19 9.85 15.26 -24.57
CA VAL B 19 9.83 14.01 -23.79
C VAL B 19 11.22 13.38 -23.81
N VAL B 20 11.78 13.23 -25.01
CA VAL B 20 13.13 12.61 -25.14
C VAL B 20 14.12 13.44 -24.31
N LEU B 21 14.22 14.73 -24.58
CA LEU B 21 15.23 15.58 -23.88
C LEU B 21 15.03 15.47 -22.35
N THR B 22 13.78 15.55 -21.87
CA THR B 22 13.56 15.50 -20.43
C THR B 22 14.05 14.17 -19.86
N TYR B 23 13.71 13.06 -20.53
CA TYR B 23 14.16 11.77 -20.05
C TYR B 23 15.68 11.67 -20.04
N VAL B 24 16.32 12.11 -21.12
CA VAL B 24 17.77 12.00 -21.21
C VAL B 24 18.44 12.90 -20.19
N LEU B 25 17.93 14.12 -19.99
CA LEU B 25 18.50 15.02 -19.01
C LEU B 25 18.36 14.47 -17.60
N MET B 26 17.20 13.92 -17.27
CA MET B 26 17.00 13.34 -15.94
C MET B 26 17.94 12.16 -15.71
N VAL B 27 18.05 11.28 -16.71
CA VAL B 27 18.94 10.14 -16.58
C VAL B 27 20.38 10.60 -16.43
N PHE B 28 20.82 11.48 -17.22
CA PHE B 28 22.18 12.09 -17.21
C PHE B 28 22.46 12.67 -15.82
N GLY B 29 21.54 13.49 -15.31
CA GLY B 29 21.73 14.07 -13.99
C GLY B 29 21.88 13.00 -12.92
N GLY B 30 21.04 11.95 -13.00
CA GLY B 30 21.23 10.83 -12.10
C GLY B 30 22.47 9.99 -12.34
N ILE B 31 23.13 10.24 -13.47
CA ILE B 31 24.40 9.51 -13.78
C ILE B 31 25.62 10.33 -13.34
N VAL B 32 25.46 11.68 -13.26
CA VAL B 32 26.61 12.54 -12.84
C VAL B 32 26.47 12.61 -11.32
N THR B 33 25.25 12.93 -10.89
CA THR B 33 25.00 13.05 -9.44
C THR B 33 25.22 11.70 -8.77
N SER B 34 25.29 10.59 -9.50
CA SER B 34 25.51 9.31 -8.77
C SER B 34 26.89 9.36 -8.08
N THR B 35 26.94 9.63 -6.77
CA THR B 35 28.25 9.74 -6.08
C THR B 35 29.32 10.33 -7.01
N GLY B 36 28.94 11.40 -7.72
CA GLY B 36 29.89 12.12 -8.58
C GLY B 36 29.82 13.61 -8.30
N SER B 37 30.02 14.03 -7.04
CA SER B 37 30.08 15.48 -6.75
C SER B 37 31.42 15.97 -7.29
N GLY B 38 32.40 15.07 -7.41
CA GLY B 38 33.72 15.40 -7.96
C GLY B 38 34.03 14.25 -8.90
N LEU B 39 33.09 13.32 -9.07
CA LEU B 39 33.35 12.12 -9.91
C LEU B 39 34.76 11.61 -9.61
N GLY B 40 35.02 11.20 -8.36
CA GLY B 40 36.37 10.75 -7.98
C GLY B 40 36.67 9.33 -8.43
N CYS B 41 37.73 8.77 -8.12
CA CYS B 41 38.22 7.39 -8.41
C CYS B 41 38.65 7.31 -9.87
N PRO B 42 39.62 6.45 -10.23
CA PRO B 42 40.16 6.39 -11.59
C PRO B 42 39.08 5.85 -12.55
N ASP B 43 38.29 4.88 -12.09
CA ASP B 43 37.22 4.30 -12.94
C ASP B 43 36.05 5.29 -12.97
N TRP B 44 36.14 6.30 -13.83
CA TRP B 44 35.03 7.30 -13.95
C TRP B 44 33.69 6.57 -13.79
N PRO B 45 33.39 5.53 -14.59
CA PRO B 45 32.11 4.81 -14.52
C PRO B 45 32.25 3.37 -14.01
N LEU B 46 33.37 3.02 -13.37
CA LEU B 46 33.58 1.60 -12.95
C LEU B 46 34.08 1.60 -11.50
N CYS B 47 33.68 2.60 -10.71
CA CYS B 47 34.07 2.66 -9.28
C CYS B 47 32.89 2.76 -8.30
N HIS B 48 32.78 1.81 -7.38
CA HIS B 48 31.61 1.82 -6.47
C HIS B 48 31.20 3.18 -5.90
N GLY B 49 29.90 3.47 -5.89
CA GLY B 49 29.41 4.70 -5.32
C GLY B 49 29.24 4.60 -3.82
N GLN B 50 28.67 5.66 -3.24
CA GLN B 50 28.44 5.71 -1.81
C GLN B 50 27.36 4.71 -1.40
N LEU B 51 27.65 3.95 -0.35
CA LEU B 51 26.65 3.06 0.21
C LEU B 51 25.58 3.86 0.96
N LEU B 52 24.49 3.19 1.30
CA LEU B 52 23.46 3.83 2.10
C LEU B 52 23.98 4.09 3.50
N PRO B 53 23.53 5.18 4.14
CA PRO B 53 24.11 5.56 5.44
C PRO B 53 24.05 4.47 6.50
N PHE B 54 22.98 3.68 6.55
CA PHE B 54 22.90 2.64 7.56
C PHE B 54 23.86 1.49 7.26
N GLN B 55 24.37 1.38 6.04
CA GLN B 55 25.30 0.33 5.67
C GLN B 55 26.74 0.69 6.02
N LEU B 56 26.99 1.87 6.55
CA LEU B 56 28.34 2.28 6.91
C LEU B 56 28.56 2.17 8.41
N LEU B 73 36.71 13.23 -12.75
CA LEU B 73 36.11 14.55 -12.93
C LEU B 73 36.36 15.08 -14.34
N GLN B 74 35.80 14.39 -15.33
CA GLN B 74 35.95 14.82 -16.71
C GLN B 74 35.14 16.09 -16.95
N PRO B 75 35.74 17.17 -17.44
CA PRO B 75 34.93 18.35 -17.82
C PRO B 75 33.98 18.06 -18.96
N TRP B 76 34.22 17.00 -19.72
CA TRP B 76 33.29 16.63 -20.81
C TRP B 76 31.89 16.40 -20.24
N ILE B 77 31.82 15.42 -19.17
CA ILE B 77 30.43 15.10 -18.74
C ILE B 77 29.73 16.37 -18.28
N GLU B 78 30.44 17.27 -17.57
CA GLU B 78 29.80 18.46 -17.04
C GLU B 78 29.35 19.40 -18.15
N GLN B 79 30.20 19.60 -19.15
CA GLN B 79 29.83 20.52 -20.22
C GLN B 79 28.70 19.97 -21.07
N THR B 80 28.68 18.64 -21.30
CA THR B 80 27.57 18.09 -22.07
C THR B 80 26.29 18.06 -21.24
N HIS B 81 26.39 17.95 -19.92
CA HIS B 81 25.22 18.10 -19.07
C HIS B 81 24.65 19.51 -19.18
N ARG B 82 25.52 20.53 -19.16
CA ARG B 82 25.06 21.90 -19.33
C ARG B 82 24.42 22.11 -20.69
N ILE B 83 25.03 21.56 -21.74
CA ILE B 83 24.49 21.70 -23.09
C ILE B 83 23.13 21.02 -23.18
N LEU B 84 23.00 19.83 -22.59
CA LEU B 84 21.73 19.12 -22.60
C LEU B 84 20.65 19.90 -21.87
N GLY B 85 21.00 20.47 -20.70
CA GLY B 85 20.03 21.29 -20.00
C GLY B 85 19.60 22.49 -20.81
N GLY B 86 20.55 23.16 -21.46
CA GLY B 86 20.19 24.30 -22.28
C GLY B 86 19.27 23.93 -23.44
N ILE B 87 19.61 22.85 -24.14
CA ILE B 87 18.81 22.48 -25.31
C ILE B 87 17.43 22.00 -24.90
N THR B 88 17.32 21.28 -23.78
CA THR B 88 16.00 20.86 -23.34
C THR B 88 15.18 22.04 -22.83
N GLY B 89 15.82 23.04 -22.23
CA GLY B 89 15.09 24.26 -21.89
C GLY B 89 14.58 24.97 -23.12
N ILE B 90 15.42 25.03 -24.15
CA ILE B 90 15.02 25.70 -25.42
C ILE B 90 13.75 25.02 -25.93
N VAL B 91 13.81 23.71 -26.13
CA VAL B 91 12.64 22.97 -26.68
C VAL B 91 11.44 23.19 -25.75
N LEU B 92 11.62 23.01 -24.43
CA LEU B 92 10.45 23.22 -23.59
C LEU B 92 9.83 24.59 -23.84
N LEU B 93 10.67 25.62 -24.01
CA LEU B 93 10.16 26.95 -24.32
C LEU B 93 9.44 26.97 -25.66
N ALA B 94 10.02 26.31 -26.66
CA ALA B 94 9.37 26.25 -27.97
C ALA B 94 8.03 25.53 -27.88
N THR B 95 7.97 24.43 -27.10
CA THR B 95 6.72 23.72 -26.91
C THR B 95 5.69 24.58 -26.18
N LEU B 96 6.13 25.35 -25.19
CA LEU B 96 5.22 26.25 -24.49
C LEU B 96 4.66 27.30 -25.44
N PHE B 97 5.53 27.88 -26.29
CA PHE B 97 5.05 28.88 -27.24
C PHE B 97 4.07 28.28 -28.24
N TYR B 98 4.37 27.09 -28.75
CA TYR B 98 3.48 26.45 -29.72
C TYR B 98 2.22 25.86 -29.08
N ALA B 99 2.18 25.70 -27.76
CA ALA B 99 0.96 25.25 -27.12
C ALA B 99 -0.15 26.26 -27.25
N PHE B 100 0.16 27.55 -27.07
CA PHE B 100 -0.85 28.59 -27.16
C PHE B 100 -1.16 28.96 -28.61
N LYS B 101 -0.30 28.50 -29.53
CA LYS B 101 -0.50 28.70 -30.98
C LYS B 101 -1.01 27.39 -31.59
N ARG B 102 -2.27 27.37 -32.03
CA ARG B 102 -2.91 26.17 -32.64
C ARG B 102 -2.85 24.96 -31.68
N GLY B 103 -3.09 25.19 -30.39
CA GLY B 103 -3.09 24.10 -29.39
C GLY B 103 -4.38 24.08 -28.59
N THR B 104 -4.73 22.91 -28.02
CA THR B 104 -5.95 22.80 -27.23
C THR B 104 -5.70 23.27 -25.79
N SER B 105 -6.77 23.30 -25.00
CA SER B 105 -6.65 23.71 -23.60
C SER B 105 -5.83 22.73 -22.79
N PHE B 106 -5.93 21.44 -23.10
CA PHE B 106 -5.18 20.43 -22.36
C PHE B 106 -3.68 20.66 -22.49
N VAL B 107 -3.21 20.94 -23.71
CA VAL B 107 -1.79 21.15 -23.94
C VAL B 107 -1.30 22.43 -23.27
N LYS B 108 -2.14 23.46 -23.27
CA LYS B 108 -1.77 24.71 -22.60
C LYS B 108 -1.63 24.48 -21.10
N LYS B 109 -2.61 23.78 -20.51
CA LYS B 109 -2.54 23.51 -19.07
C LYS B 109 -1.33 22.65 -18.73
N ALA B 110 -1.09 21.62 -19.55
CA ALA B 110 0.05 20.71 -19.30
C ALA B 110 1.34 21.54 -19.30
N LEU B 111 1.56 22.31 -20.38
CA LEU B 111 2.77 23.16 -20.47
C LEU B 111 2.86 24.04 -19.22
N VAL B 112 1.77 24.73 -18.87
CA VAL B 112 1.79 25.64 -17.73
C VAL B 112 2.24 24.88 -16.48
N PHE B 113 1.81 23.63 -16.35
CA PHE B 113 2.17 22.89 -15.12
C PHE B 113 3.65 22.48 -15.20
N ILE B 114 4.15 22.22 -16.40
CA ILE B 114 5.57 21.90 -16.55
C ILE B 114 6.43 23.11 -16.21
N PHE B 115 6.05 24.28 -16.71
CA PHE B 115 6.86 25.47 -16.44
C PHE B 115 6.70 25.97 -15.01
N ILE B 116 5.55 25.73 -14.37
CA ILE B 116 5.44 26.01 -12.94
C ILE B 116 6.40 25.12 -12.16
N ALA B 117 6.49 23.85 -12.54
CA ALA B 117 7.45 22.96 -11.89
C ALA B 117 8.88 23.41 -12.13
N LEU B 118 9.18 23.88 -13.35
CA LEU B 118 10.52 24.39 -13.63
C LEU B 118 10.84 25.63 -12.81
N ILE B 119 9.87 26.53 -12.65
CA ILE B 119 10.06 27.71 -11.81
C ILE B 119 10.28 27.28 -10.36
N LEU B 120 9.55 26.27 -9.91
CA LEU B 120 9.75 25.74 -8.56
C LEU B 120 11.16 25.19 -8.39
N GLU B 121 11.65 24.46 -9.40
CA GLU B 121 13.02 23.96 -9.35
C GLU B 121 14.02 25.12 -9.27
N ALA B 122 13.80 26.16 -10.07
CA ALA B 122 14.68 27.32 -10.03
C ALA B 122 14.69 27.96 -8.66
N LEU B 123 13.50 28.12 -8.05
CA LEU B 123 13.43 28.68 -6.71
C LEU B 123 14.13 27.78 -5.69
N LEU B 124 14.00 26.46 -5.83
CA LEU B 124 14.74 25.55 -4.96
C LEU B 124 16.24 25.70 -5.14
N GLY B 125 16.67 26.08 -6.35
CA GLY B 125 18.08 26.41 -6.54
C GLY B 125 18.51 27.58 -5.68
N MET B 126 17.65 28.58 -5.54
CA MET B 126 17.90 29.70 -4.65
C MET B 126 17.71 29.25 -3.20
N ARG B 127 18.81 28.96 -2.52
CA ARG B 127 18.77 28.35 -1.19
C ARG B 127 19.02 29.45 -0.16
N VAL B 128 18.18 30.49 -0.23
CA VAL B 128 18.27 31.60 0.75
C VAL B 128 18.16 30.92 2.11
N VAL B 129 18.99 31.32 3.06
CA VAL B 129 19.02 30.64 4.34
C VAL B 129 17.79 30.95 5.18
N ILE B 130 16.95 29.93 5.40
CA ILE B 130 15.74 30.11 6.25
C ILE B 130 16.18 30.06 7.72
N THR B 131 16.81 28.97 8.14
CA THR B 131 17.33 28.85 9.52
C THR B 131 18.68 28.13 9.50
N GLU B 132 19.62 28.57 10.34
CA GLU B 132 20.98 27.95 10.37
C GLU B 132 20.97 26.75 11.31
N ALA B 133 19.81 26.45 11.91
CA ALA B 133 19.70 25.27 12.80
C ALA B 133 20.25 24.05 12.05
N PRO B 134 21.29 23.35 12.56
CA PRO B 134 21.89 22.23 11.84
C PRO B 134 20.84 21.18 11.48
N LEU B 135 20.00 20.80 12.45
CA LEU B 135 18.93 19.80 12.19
C LEU B 135 18.01 20.29 11.06
N LEU B 136 17.37 21.44 11.25
CA LEU B 136 16.48 21.96 10.22
C LEU B 136 17.21 22.32 8.94
N ARG B 137 18.50 22.64 9.03
CA ARG B 137 19.31 22.80 7.82
C ARG B 137 19.45 21.50 7.04
N GLU B 138 19.82 20.43 7.74
CA GLU B 138 19.99 19.11 7.08
C GLU B 138 18.65 18.68 6.47
N LEU B 139 17.58 18.77 7.27
CA LEU B 139 16.22 18.40 6.77
C LEU B 139 15.92 19.19 5.50
N LEU B 140 16.08 20.52 5.55
CA LEU B 140 15.75 21.34 4.39
C LEU B 140 16.61 20.98 3.19
N HIS B 141 17.87 20.59 3.43
CA HIS B 141 18.69 20.09 2.34
C HIS B 141 18.09 18.83 1.72
N TYR B 142 17.63 17.91 2.58
CA TYR B 142 16.95 16.72 2.08
C TYR B 142 15.70 17.09 1.31
N VAL B 143 14.94 18.07 1.82
CA VAL B 143 13.70 18.47 1.16
C VAL B 143 13.98 19.04 -0.22
N TYR B 144 15.00 19.90 -0.33
CA TYR B 144 15.35 20.48 -1.62
C TYR B 144 15.79 19.40 -2.61
N THR B 145 16.69 18.50 -2.15
CA THR B 145 17.22 17.49 -3.05
C THR B 145 16.13 16.53 -3.52
N SER B 146 15.22 16.15 -2.62
CA SER B 146 14.14 15.24 -3.01
C SER B 146 13.12 15.95 -3.89
N ALA B 147 12.82 17.21 -3.59
CA ALA B 147 11.82 17.94 -4.35
C ALA B 147 12.27 18.20 -5.77
N HIS B 148 13.57 18.39 -5.99
CA HIS B 148 14.06 18.53 -7.35
C HIS B 148 13.70 17.31 -8.20
N LEU B 149 13.98 16.11 -7.67
CA LEU B 149 13.68 14.89 -8.41
C LEU B 149 12.18 14.66 -8.52
N ILE B 150 11.41 15.00 -7.49
CA ILE B 150 9.96 14.85 -7.56
C ILE B 150 9.39 15.73 -8.67
N LEU B 151 9.87 16.97 -8.77
CA LEU B 151 9.41 17.86 -9.83
C LEU B 151 9.87 17.36 -11.19
N SER B 152 11.07 16.79 -11.28
CA SER B 152 11.52 16.21 -12.54
C SER B 152 10.61 15.06 -12.98
N VAL B 153 10.25 14.19 -12.05
CA VAL B 153 9.37 13.07 -12.38
C VAL B 153 7.98 13.58 -12.79
N PHE B 154 7.48 14.60 -12.09
CA PHE B 154 6.19 15.18 -12.46
C PHE B 154 6.25 15.76 -13.88
N ILE B 155 7.34 16.46 -14.21
CA ILE B 155 7.48 17.03 -15.55
C ILE B 155 7.51 15.92 -16.59
N LEU B 156 8.25 14.85 -16.33
CA LEU B 156 8.32 13.75 -17.29
C LEU B 156 6.96 13.10 -17.49
N SER B 157 6.23 12.86 -16.40
CA SER B 157 4.91 12.25 -16.52
C SER B 157 3.95 13.15 -17.29
N THR B 158 3.95 14.45 -16.97
CA THR B 158 3.04 15.37 -17.64
C THR B 158 3.38 15.48 -19.13
N ILE B 159 4.66 15.55 -19.47
CA ILE B 159 5.01 15.68 -20.88
C ILE B 159 4.73 14.38 -21.64
N THR B 160 4.83 13.22 -20.98
CA THR B 160 4.47 11.98 -21.66
C THR B 160 2.96 11.91 -21.90
N ILE B 161 2.17 12.34 -20.93
CA ILE B 161 0.72 12.36 -21.13
C ILE B 161 0.36 13.35 -22.23
N THR B 162 1.04 14.49 -22.29
CA THR B 162 0.81 15.45 -23.36
C THR B 162 1.18 14.87 -24.72
N TYR B 163 2.30 14.14 -24.78
CA TYR B 163 2.71 13.51 -26.04
C TYR B 163 1.68 12.49 -26.49
N TYR B 164 1.10 11.73 -25.55
CA TYR B 164 -0.01 10.87 -25.92
C TYR B 164 -1.19 11.68 -26.43
N TYR B 165 -1.47 12.82 -25.78
CA TYR B 165 -2.65 13.61 -26.14
C TYR B 165 -2.55 14.15 -27.54
N VAL B 166 -1.37 14.63 -27.95
CA VAL B 166 -1.25 15.21 -29.29
C VAL B 166 -1.45 14.14 -30.35
N LYS B 167 -0.98 12.93 -30.11
CA LYS B 167 -1.37 11.79 -30.94
C LYS B 167 -2.79 11.37 -30.58
N PHE B 168 -3.38 10.54 -31.45
CA PHE B 168 -4.72 10.00 -31.21
C PHE B 168 -5.75 11.09 -30.95
N PHE B 169 -5.47 12.32 -31.38
CA PHE B 169 -6.33 13.44 -31.02
C PHE B 169 -7.74 13.27 -31.59
N GLY B 170 -7.83 12.84 -32.84
CA GLY B 170 -9.13 12.56 -33.42
C GLY B 170 -9.51 11.10 -33.30
N GLU B 171 -8.54 10.26 -32.97
CA GLU B 171 -8.75 8.83 -32.88
C GLU B 171 -9.47 8.47 -31.59
N ARG B 172 -10.05 7.27 -31.59
CA ARG B 172 -10.68 6.75 -30.37
C ARG B 172 -9.60 6.18 -29.46
N PRO B 173 -9.50 6.63 -28.22
CA PRO B 173 -8.38 6.20 -27.36
C PRO B 173 -8.53 4.77 -26.87
N LYS B 174 -8.10 3.81 -27.68
CA LYS B 174 -8.12 2.41 -27.25
C LYS B 174 -7.18 2.22 -26.07
N GLU B 175 -7.56 1.30 -25.17
CA GLU B 175 -6.75 1.07 -23.94
C GLU B 175 -5.57 0.15 -24.27
N TYR B 176 -4.62 0.00 -23.33
CA TYR B 176 -3.44 -0.87 -23.56
C TYR B 176 -3.36 -1.95 -22.47
N ILE B 177 -3.63 -1.58 -21.21
CA ILE B 177 -3.55 -2.56 -20.09
C ILE B 177 -4.82 -2.44 -19.23
N PRO B 178 -5.27 -3.52 -18.56
CA PRO B 178 -6.52 -3.50 -17.79
C PRO B 178 -6.50 -2.51 -16.61
N TYR B 179 -5.36 -2.38 -15.93
CA TYR B 179 -5.30 -1.51 -14.73
C TYR B 179 -4.14 -0.51 -14.86
N ALA B 180 -4.29 0.50 -15.73
CA ALA B 180 -3.24 1.52 -15.91
C ALA B 180 -3.23 2.47 -14.71
N ASP B 181 -4.41 2.89 -14.25
CA ASP B 181 -4.49 3.88 -13.14
C ASP B 181 -3.82 3.36 -11.87
N ALA B 182 -4.27 2.22 -11.35
CA ALA B 182 -3.70 1.68 -10.12
C ALA B 182 -2.21 1.41 -10.33
N LEU B 183 -1.86 0.91 -11.51
CA LEU B 183 -0.45 0.70 -11.83
C LEU B 183 0.32 2.01 -11.81
N TYR B 184 -0.27 3.07 -12.36
CA TYR B 184 0.38 4.38 -12.37
C TYR B 184 0.61 4.88 -10.95
N VAL B 185 -0.40 4.79 -10.09
CA VAL B 185 -0.28 5.29 -8.73
C VAL B 185 0.75 4.49 -7.95
N ALA B 186 0.69 3.17 -8.05
CA ALA B 186 1.65 2.33 -7.33
C ALA B 186 3.08 2.56 -7.83
N THR B 187 3.25 2.70 -9.14
CA THR B 187 4.58 2.97 -9.69
C THR B 187 5.10 4.31 -9.23
N MET B 188 4.25 5.34 -9.21
CA MET B 188 4.70 6.65 -8.75
C MET B 188 5.08 6.62 -7.28
N PHE B 189 4.34 5.86 -6.46
CA PHE B 189 4.74 5.71 -5.07
C PHE B 189 6.09 5.01 -4.94
N GLN B 190 6.32 4.00 -5.78
CA GLN B 190 7.62 3.32 -5.76
C GLN B 190 8.74 4.26 -6.19
N ILE B 191 8.49 5.10 -7.19
CA ILE B 191 9.48 6.08 -7.61
C ILE B 191 9.78 7.07 -6.49
N LEU B 192 8.73 7.49 -5.78
CA LEU B 192 8.92 8.37 -4.61
C LEU B 192 9.78 7.69 -3.55
N LEU B 193 9.52 6.40 -3.31
CA LEU B 193 10.34 5.64 -2.35
C LEU B 193 11.79 5.60 -2.80
N GLY B 194 12.03 5.38 -4.09
CA GLY B 194 13.39 5.35 -4.58
C GLY B 194 14.09 6.69 -4.44
N ILE B 195 13.37 7.78 -4.71
CA ILE B 195 13.93 9.12 -4.53
C ILE B 195 14.29 9.34 -3.06
N PHE B 196 13.41 8.93 -2.15
CA PHE B 196 13.71 9.08 -0.73
C PHE B 196 14.93 8.27 -0.33
N VAL B 197 15.06 7.05 -0.84
CA VAL B 197 16.25 6.25 -0.56
C VAL B 197 17.50 6.94 -1.06
N ARG B 198 17.42 7.49 -2.28
CA ARG B 198 18.58 8.12 -2.88
C ARG B 198 19.02 9.37 -2.11
N TYR B 199 18.08 10.21 -1.71
CA TYR B 199 18.41 11.54 -1.22
C TYR B 199 18.19 11.77 0.27
N VAL B 200 17.16 11.15 0.84
CA VAL B 200 16.85 11.36 2.29
C VAL B 200 17.80 10.50 3.12
N LYS B 201 18.89 11.11 3.62
CA LYS B 201 19.90 10.34 4.41
C LYS B 201 19.67 10.56 5.91
N ALA B 202 18.46 10.31 6.39
CA ALA B 202 18.14 10.47 7.82
C ALA B 202 18.61 9.24 8.60
N LEU B 203 19.34 8.33 7.93
CA LEU B 203 19.89 7.12 8.59
C LEU B 203 18.86 6.10 9.11
N GLU B 204 17.97 6.51 10.02
CA GLU B 204 17.04 5.53 10.63
C GLU B 204 15.95 5.53 9.56
N TYR B 205 15.60 6.80 9.06
CA TYR B 205 14.54 6.81 8.06
C TYR B 205 15.03 6.30 6.72
N ASN B 206 16.31 6.53 6.40
CA ASN B 206 16.84 6.01 5.15
C ASN B 206 16.81 4.49 5.14
N GLN B 207 17.19 3.85 6.25
CA GLN B 207 17.11 2.40 6.33
C GLN B 207 15.66 1.93 6.20
N PHE B 208 14.74 2.60 6.90
CA PHE B 208 13.34 2.22 6.81
C PHE B 208 12.83 2.32 5.38
N VAL B 209 13.13 3.44 4.70
CA VAL B 209 12.58 3.65 3.38
C VAL B 209 13.25 2.74 2.36
N TYR B 210 14.51 2.37 2.58
CA TYR B 210 15.14 1.38 1.72
C TYR B 210 14.47 0.01 1.86
N TYR B 211 14.20 -0.41 3.10
CA TYR B 211 13.48 -1.66 3.28
C TYR B 211 12.03 -1.64 2.82
N LEU B 212 11.44 -0.45 2.72
CA LEU B 212 10.07 -0.33 2.26
C LEU B 212 10.12 -0.36 0.74
N HIS B 213 11.17 0.23 0.16
CA HIS B 213 11.34 0.22 -1.29
C HIS B 213 11.52 -1.20 -1.81
N ILE B 214 12.47 -1.92 -1.23
CA ILE B 214 12.77 -3.31 -1.70
C ILE B 214 11.54 -4.20 -1.51
N THR B 215 10.71 -3.91 -0.49
CA THR B 215 9.54 -4.77 -0.18
C THR B 215 8.37 -4.39 -1.11
N TYR B 216 8.15 -3.09 -1.33
CA TYR B 216 7.08 -2.65 -2.22
C TYR B 216 7.35 -3.01 -3.67
N ALA B 217 8.63 -3.27 -4.01
CA ALA B 217 8.91 -3.85 -5.32
C ALA B 217 8.14 -5.16 -5.52
N GLY B 218 7.98 -5.95 -4.46
CA GLY B 218 7.20 -7.16 -4.55
C GLY B 218 5.74 -6.90 -4.84
N PHE B 219 5.17 -5.87 -4.23
CA PHE B 219 3.80 -5.48 -4.54
C PHE B 219 3.67 -5.08 -6.00
N LEU B 220 4.66 -4.34 -6.52
CA LEU B 220 4.63 -3.96 -7.92
C LEU B 220 4.69 -5.18 -8.82
N VAL B 221 5.53 -6.16 -8.47
CA VAL B 221 5.63 -7.38 -9.28
C VAL B 221 4.29 -8.13 -9.26
N ILE B 222 3.67 -8.24 -8.09
CA ILE B 222 2.39 -8.94 -7.99
C ILE B 222 1.33 -8.22 -8.81
N LEU B 223 1.29 -6.90 -8.75
CA LEU B 223 0.31 -6.13 -9.51
C LEU B 223 0.53 -6.29 -11.01
N SER B 224 1.78 -6.26 -11.45
CA SER B 224 2.07 -6.46 -12.87
C SER B 224 1.67 -7.86 -13.33
N LEU B 225 1.95 -8.87 -12.50
CA LEU B 225 1.54 -10.23 -12.83
C LEU B 225 0.02 -10.33 -12.94
N PHE B 226 -0.70 -9.71 -12.02
CA PHE B 226 -2.17 -9.76 -12.10
C PHE B 226 -2.69 -9.02 -13.32
N ILE B 227 -2.18 -7.93 -13.66
CA ILE B 227 -2.46 -7.17 -14.87
C ILE B 227 -2.23 -8.03 -16.11
N MET B 228 -1.09 -8.72 -16.16
CA MET B 228 -0.81 -9.61 -17.27
C MET B 228 -1.80 -10.76 -17.34
N PHE B 229 -2.20 -11.28 -16.18
CA PHE B 229 -3.21 -12.34 -16.15
C PHE B 229 -4.58 -11.83 -16.63
N LYS B 230 -4.95 -10.62 -16.22
CA LYS B 230 -6.25 -10.08 -16.58
C LYS B 230 -6.38 -9.87 -18.09
N GLU B 231 -5.33 -9.39 -18.73
CA GLU B 231 -5.33 -9.22 -20.18
C GLU B 231 -3.88 -9.29 -20.65
N PHE B 232 -3.52 -10.38 -21.31
CA PHE B 232 -2.15 -10.57 -21.79
C PHE B 232 -2.02 -10.01 -23.19
N ASN B 233 -1.17 -8.99 -23.34
CA ASN B 233 -0.79 -8.46 -24.64
C ASN B 233 0.68 -8.07 -24.55
N LYS B 234 1.17 -7.36 -25.56
CA LYS B 234 2.57 -6.94 -25.53
C LYS B 234 2.82 -5.91 -24.44
N TYR B 235 1.84 -5.06 -24.15
CA TYR B 235 2.03 -4.01 -23.16
C TYR B 235 2.14 -4.58 -21.75
N SER B 236 1.29 -5.56 -21.42
CA SER B 236 1.37 -6.19 -20.10
C SER B 236 2.70 -6.91 -19.93
N LEU B 237 3.14 -7.64 -20.96
CA LEU B 237 4.41 -8.34 -20.91
C LEU B 237 5.56 -7.36 -20.74
N ILE B 238 5.53 -6.25 -21.48
CA ILE B 238 6.60 -5.26 -21.37
C ILE B 238 6.60 -4.62 -20.00
N THR B 239 5.42 -4.37 -19.42
CA THR B 239 5.34 -3.82 -18.08
C THR B 239 5.97 -4.76 -17.06
N PHE B 240 5.61 -6.05 -17.14
CA PHE B 240 6.17 -7.02 -16.21
C PHE B 240 7.67 -7.16 -16.40
N LEU B 241 8.14 -7.15 -17.65
CA LEU B 241 9.57 -7.27 -17.90
C LEU B 241 10.32 -6.04 -17.41
N LEU B 242 9.73 -4.86 -17.55
CA LEU B 242 10.37 -3.65 -17.02
C LEU B 242 10.47 -3.71 -15.51
N MET B 243 9.39 -4.14 -14.84
CA MET B 243 9.46 -4.29 -13.39
C MET B 243 10.62 -5.23 -13.08
N THR B 244 10.53 -6.47 -13.57
CA THR B 244 11.60 -7.44 -13.33
C THR B 244 13.02 -7.02 -13.65
N ALA B 245 13.20 -6.16 -14.66
CA ALA B 245 14.52 -5.71 -15.04
C ALA B 245 14.96 -4.66 -14.03
N GLN B 246 14.03 -3.81 -13.60
CA GLN B 246 14.37 -2.82 -12.58
C GLN B 246 14.68 -3.44 -11.23
N ILE B 247 13.93 -4.45 -10.86
CA ILE B 247 14.13 -5.13 -9.54
C ILE B 247 15.52 -5.77 -9.64
N LEU B 248 15.70 -6.66 -10.61
CA LEU B 248 17.04 -7.29 -10.82
C LEU B 248 18.15 -6.24 -10.74
N ALA B 249 18.02 -5.14 -11.48
CA ALA B 249 19.07 -4.09 -11.49
C ALA B 249 19.25 -3.54 -10.08
N GLY B 250 18.14 -3.19 -9.42
CA GLY B 250 18.21 -2.66 -8.03
C GLY B 250 18.99 -3.61 -7.15
N VAL B 251 18.63 -4.90 -7.16
CA VAL B 251 19.33 -5.92 -6.33
C VAL B 251 20.82 -5.90 -6.67
N ALA B 252 21.16 -6.03 -7.96
CA ALA B 252 22.57 -6.03 -8.40
C ALA B 252 23.29 -4.83 -7.77
N THR B 253 22.80 -3.62 -8.05
CA THR B 253 23.38 -2.41 -7.43
C THR B 253 23.71 -2.73 -5.97
N VAL B 254 22.77 -3.35 -5.25
CA VAL B 254 23.00 -3.70 -3.81
C VAL B 254 23.86 -4.95 -3.60
N ILE B 255 23.77 -5.94 -4.49
CA ILE B 255 24.50 -7.22 -4.28
C ILE B 255 25.97 -6.89 -4.03
N SER B 256 26.55 -5.99 -4.84
CA SER B 256 27.99 -5.64 -4.70
C SER B 256 28.17 -4.12 -4.59
N GLY B 257 28.34 -3.60 -3.38
CA GLY B 257 28.61 -2.15 -3.18
C GLY B 257 27.65 -1.26 -3.94
N PHE B 258 28.18 -0.36 -4.77
CA PHE B 258 27.34 0.57 -5.57
C PHE B 258 27.99 0.78 -6.94
N PHE B 259 28.29 -0.31 -7.67
CA PHE B 259 29.00 -0.18 -8.97
C PHE B 259 28.32 0.90 -9.81
N LEU B 260 29.08 1.83 -10.41
CA LEU B 260 28.36 2.91 -11.13
C LEU B 260 27.52 2.31 -12.27
N PRO B 261 28.04 1.43 -13.15
CA PRO B 261 27.21 0.94 -14.27
C PRO B 261 25.87 0.34 -13.82
N TYR B 262 25.88 -0.44 -12.73
CA TYR B 262 24.62 -1.06 -12.22
C TYR B 262 23.69 0.06 -11.72
N LEU B 263 24.25 0.99 -10.96
CA LEU B 263 23.51 2.15 -10.40
C LEU B 263 22.87 2.96 -11.54
N PHE B 264 23.58 3.10 -12.66
CA PHE B 264 23.08 3.87 -13.83
C PHE B 264 21.89 3.10 -14.44
N LEU B 265 22.12 1.86 -14.85
CA LEU B 265 21.04 1.11 -15.50
C LEU B 265 19.77 1.15 -14.66
N HIS B 266 19.92 1.07 -13.34
CA HIS B 266 18.77 1.16 -12.45
C HIS B 266 18.06 2.50 -12.60
N ILE B 267 18.83 3.59 -12.63
CA ILE B 267 18.25 4.92 -12.79
C ILE B 267 17.53 5.05 -14.13
N ALA B 268 18.19 4.58 -15.19
CA ALA B 268 17.60 4.70 -16.52
C ALA B 268 16.30 3.90 -16.62
N ILE B 269 16.30 2.68 -16.08
CA ILE B 269 15.10 1.85 -16.16
C ILE B 269 13.99 2.44 -15.30
N GLY B 270 14.33 3.02 -14.15
CA GLY B 270 13.31 3.63 -13.31
C GLY B 270 12.63 4.80 -13.99
N PHE B 271 13.43 5.68 -14.61
CA PHE B 271 12.82 6.82 -15.28
C PHE B 271 12.05 6.40 -16.53
N PHE B 272 12.53 5.37 -17.23
CA PHE B 272 11.73 4.88 -18.34
C PHE B 272 10.43 4.23 -17.86
N ILE B 273 10.46 3.57 -16.71
CA ILE B 273 9.22 3.08 -16.11
C ILE B 273 8.25 4.21 -15.79
N VAL B 274 8.76 5.33 -15.30
CA VAL B 274 7.92 6.52 -15.12
C VAL B 274 7.25 6.90 -16.43
N LEU B 275 8.05 7.02 -17.49
CA LEU B 275 7.53 7.39 -18.80
C LEU B 275 6.51 6.36 -19.29
N TRP B 276 6.82 5.08 -19.11
CA TRP B 276 5.98 4.00 -19.61
C TRP B 276 4.62 3.98 -18.91
N VAL B 277 4.61 4.13 -17.58
CA VAL B 277 3.33 4.12 -16.87
C VAL B 277 2.52 5.37 -17.18
N SER B 278 3.20 6.51 -17.39
CA SER B 278 2.46 7.70 -17.81
C SER B 278 1.78 7.47 -19.16
N TYR B 279 2.52 6.89 -20.11
CA TYR B 279 1.97 6.63 -21.44
C TYR B 279 0.83 5.62 -21.37
N LEU B 280 0.96 4.62 -20.50
CA LEU B 280 -0.10 3.62 -20.36
C LEU B 280 -1.34 4.14 -19.67
N VAL B 281 -1.15 5.08 -18.73
CA VAL B 281 -2.32 5.67 -18.00
C VAL B 281 -3.04 6.71 -18.86
N ALA B 282 -2.33 7.38 -19.78
CA ALA B 282 -2.96 8.44 -20.56
C ALA B 282 -4.26 8.02 -21.23
N PRO B 283 -4.35 6.88 -21.93
CA PRO B 283 -5.64 6.54 -22.57
C PRO B 283 -6.84 6.29 -21.66
N SER B 284 -6.55 5.84 -20.43
CA SER B 284 -7.65 5.55 -19.47
C SER B 284 -8.27 6.87 -19.02
N VAL B 285 -7.44 7.87 -18.74
CA VAL B 285 -7.95 9.19 -18.27
C VAL B 285 -8.56 9.94 -19.46
N LEU B 286 -7.92 9.89 -20.63
CA LEU B 286 -8.42 10.67 -21.75
C LEU B 286 -9.65 10.06 -22.42
N LYS B 287 -10.00 8.80 -22.10
CA LYS B 287 -11.19 8.21 -22.71
C LYS B 287 -12.47 8.93 -22.31
N THR B 288 -12.45 9.66 -21.19
CA THR B 288 -13.62 10.39 -20.72
C THR B 288 -13.65 11.83 -21.21
N TYR B 289 -12.71 12.21 -22.08
CA TYR B 289 -12.68 13.56 -22.63
C TYR B 289 -13.39 13.59 -23.97
N THR B 290 -13.41 14.76 -24.59
CA THR B 290 -14.05 14.96 -25.88
C THR B 290 -13.00 15.27 -26.93
N GLU B 291 -13.18 14.73 -28.13
CA GLU B 291 -12.28 14.94 -29.26
C GLU B 291 -10.86 14.49 -28.91
N PRO C 10 -37.12 15.46 10.38
CA PRO C 10 -36.62 15.42 11.75
C PRO C 10 -35.43 14.50 11.91
N LEU C 11 -35.42 13.39 11.16
CA LEU C 11 -34.30 12.46 11.22
C LEU C 11 -33.05 13.08 10.61
N LYS C 12 -33.20 13.84 9.52
CA LYS C 12 -32.05 14.47 8.89
C LYS C 12 -31.36 15.45 9.84
N THR C 13 -32.15 16.26 10.55
CA THR C 13 -31.57 17.17 11.51
C THR C 13 -30.83 16.41 12.61
N LEU C 14 -31.42 15.30 13.08
CA LEU C 14 -30.79 14.53 14.13
C LEU C 14 -29.47 13.93 13.67
N VAL C 15 -29.42 13.38 12.45
CA VAL C 15 -28.19 12.77 11.98
C VAL C 15 -27.12 13.84 11.72
N LEU C 16 -27.52 15.01 11.20
CA LEU C 16 -26.56 16.09 11.01
C LEU C 16 -26.00 16.55 12.34
N ALA C 17 -26.87 16.71 13.35
CA ALA C 17 -26.40 17.11 14.67
C ALA C 17 -25.48 16.06 15.26
N SER C 18 -25.79 14.78 15.06
CA SER C 18 -24.94 13.72 15.57
C SER C 18 -23.59 13.72 14.88
N VAL C 19 -23.55 13.98 13.56
CA VAL C 19 -22.28 14.09 12.85
C VAL C 19 -21.44 15.21 13.46
N VAL C 20 -22.06 16.39 13.60
CA VAL C 20 -21.33 17.56 14.18
C VAL C 20 -20.84 17.17 15.58
N LEU C 21 -21.74 16.76 16.46
CA LEU C 21 -21.34 16.46 17.86
C LEU C 21 -20.22 15.42 17.88
N THR C 22 -20.34 14.34 17.08
CA THR C 22 -19.32 13.31 17.10
C THR C 22 -17.96 13.87 16.68
N TYR C 23 -17.95 14.67 15.61
CA TYR C 23 -16.70 15.26 15.16
C TYR C 23 -16.10 16.17 16.23
N VAL C 24 -16.94 17.02 16.83
CA VAL C 24 -16.43 17.97 17.81
C VAL C 24 -15.95 17.25 19.06
N LEU C 25 -16.68 16.21 19.50
CA LEU C 25 -16.26 15.45 20.66
C LEU C 25 -14.94 14.73 20.41
N MET C 26 -14.79 14.13 19.23
CA MET C 26 -13.54 13.44 18.92
C MET C 26 -12.37 14.41 18.88
N VAL C 27 -12.58 15.56 18.23
CA VAL C 27 -11.52 16.56 18.17
C VAL C 27 -11.17 17.05 19.56
N PHE C 28 -12.10 17.39 20.33
CA PHE C 28 -11.96 17.85 21.73
C PHE C 28 -11.16 16.82 22.54
N GLY C 29 -11.57 15.56 22.48
CA GLY C 29 -10.85 14.52 23.20
C GLY C 29 -9.40 14.44 22.77
N GLY C 30 -9.15 14.54 21.46
CA GLY C 30 -7.77 14.62 20.99
C GLY C 30 -7.05 15.90 21.34
N ILE C 31 -7.80 16.90 21.81
CA ILE C 31 -7.17 18.19 22.23
C ILE C 31 -6.88 18.20 23.74
N VAL C 32 -7.65 17.38 24.51
CA VAL C 32 -7.42 17.34 25.98
C VAL C 32 -6.38 16.24 26.16
N THR C 33 -6.66 15.10 25.54
CA THR C 33 -5.74 13.96 25.65
C THR C 33 -4.40 14.31 25.02
N SER C 34 -4.28 15.39 24.24
CA SER C 34 -2.93 15.67 23.68
C SER C 34 -1.97 15.99 24.83
N THR C 35 -1.13 15.03 25.25
CA THR C 35 -0.22 15.28 26.40
C THR C 35 -0.87 16.20 27.43
N GLY C 36 -2.14 15.91 27.75
CA GLY C 36 -2.86 16.66 28.79
C GLY C 36 -3.53 15.69 29.75
N SER C 37 -2.75 14.79 30.37
CA SER C 37 -3.34 13.91 31.41
C SER C 37 -3.57 14.78 32.65
N GLY C 38 -2.78 15.87 32.76
CA GLY C 38 -2.92 16.83 33.87
C GLY C 38 -2.87 18.18 33.20
N LEU C 39 -2.79 18.22 31.86
CA LEU C 39 -2.64 19.52 31.15
C LEU C 39 -1.63 20.39 31.90
N GLY C 40 -0.39 19.93 32.02
CA GLY C 40 0.63 20.67 32.79
C GLY C 40 1.20 21.84 32.01
N CYS C 41 2.11 22.52 32.48
CA CYS C 41 2.86 23.68 31.90
C CYS C 41 1.97 24.93 31.93
N PRO C 42 2.54 26.15 32.04
CA PRO C 42 1.74 27.37 32.19
C PRO C 42 0.96 27.64 30.89
N ASP C 43 1.58 27.38 29.74
CA ASP C 43 0.90 27.59 28.44
C ASP C 43 -0.09 26.45 28.21
N TRP C 44 -1.28 26.56 28.81
CA TRP C 44 -2.33 25.52 28.62
C TRP C 44 -2.26 25.00 27.19
N PRO C 45 -2.37 25.87 26.15
CA PRO C 45 -2.36 25.44 24.76
C PRO C 45 -1.11 25.90 23.99
N LEU C 46 -0.04 26.30 24.68
CA LEU C 46 1.15 26.85 23.97
C LEU C 46 2.40 26.20 24.56
N CYS C 47 2.29 24.96 25.04
CA CYS C 47 3.46 24.23 25.59
C CYS C 47 3.72 22.87 24.94
N HIS C 48 4.91 22.68 24.36
CA HIS C 48 5.17 21.41 23.64
C HIS C 48 4.68 20.13 24.32
N GLY C 49 4.06 19.23 23.55
CA GLY C 49 3.62 17.96 24.08
C GLY C 49 4.73 16.94 24.11
N GLN C 50 4.35 15.71 24.47
CA GLN C 50 5.32 14.63 24.56
C GLN C 50 5.82 14.24 23.17
N LEU C 51 7.13 14.10 23.04
CA LEU C 51 7.70 13.60 21.81
C LEU C 51 7.44 12.11 21.66
N LEU C 52 7.69 11.60 20.46
CA LEU C 52 7.56 10.17 20.22
C LEU C 52 8.65 9.41 21.00
N PRO C 53 8.34 8.21 21.47
CA PRO C 53 9.28 7.51 22.35
C PRO C 53 10.68 7.33 21.76
N PHE C 54 10.79 7.07 20.46
CA PHE C 54 12.11 6.89 19.87
C PHE C 54 12.88 8.20 19.78
N GLN C 55 12.20 9.34 19.90
CA GLN C 55 12.86 10.64 19.86
C GLN C 55 13.41 11.07 21.20
N LEU C 56 13.22 10.27 22.25
CA LEU C 56 13.72 10.61 23.57
C LEU C 56 14.99 9.81 23.89
N LEU C 73 -4.22 22.73 33.93
CA LEU C 73 -5.32 21.85 34.32
C LEU C 73 -6.57 22.64 34.64
N GLN C 74 -7.11 23.31 33.63
CA GLN C 74 -8.33 24.08 33.81
C GLN C 74 -9.52 23.14 34.00
N PRO C 75 -10.30 23.26 35.08
CA PRO C 75 -11.52 22.46 35.19
C PRO C 75 -12.54 22.78 34.13
N TRP C 76 -12.42 23.96 33.50
CA TRP C 76 -13.35 24.32 32.39
C TRP C 76 -13.28 23.26 31.30
N ILE C 77 -11.95 23.00 30.77
CA ILE C 77 -11.93 22.09 29.59
C ILE C 77 -12.56 20.74 29.97
N GLU C 78 -12.30 20.25 31.19
CA GLU C 78 -12.80 18.94 31.57
C GLU C 78 -14.31 18.94 31.69
N GLN C 79 -14.89 19.98 32.31
CA GLN C 79 -16.34 20.00 32.48
C GLN C 79 -17.04 20.18 31.14
N THR C 80 -16.47 20.98 30.22
CA THR C 80 -17.10 21.12 28.92
C THR C 80 -16.93 19.86 28.08
N HIS C 81 -15.84 19.11 28.29
CA HIS C 81 -15.72 17.81 27.65
C HIS C 81 -16.79 16.86 28.14
N ARG C 82 -17.05 16.84 29.44
CA ARG C 82 -18.12 15.99 29.97
C ARG C 82 -19.48 16.41 29.43
N ILE C 83 -19.74 17.72 29.37
CA ILE C 83 -21.00 18.21 28.84
C ILE C 83 -21.16 17.83 27.38
N LEU C 84 -20.08 17.97 26.59
CA LEU C 84 -20.13 17.60 25.19
C LEU C 84 -20.40 16.11 25.01
N GLY C 85 -19.74 15.27 25.81
CA GLY C 85 -20.02 13.85 25.75
C GLY C 85 -21.46 13.53 26.08
N GLY C 86 -22.00 14.17 27.12
CA GLY C 86 -23.39 13.93 27.49
C GLY C 86 -24.36 14.34 26.39
N ILE C 87 -24.15 15.52 25.82
CA ILE C 87 -25.09 16.01 24.81
C ILE C 87 -24.99 15.19 23.53
N THR C 88 -23.77 14.76 23.16
CA THR C 88 -23.67 13.92 21.97
C THR C 88 -24.25 12.54 22.21
N GLY C 89 -24.15 12.01 23.43
CA GLY C 89 -24.83 10.77 23.74
C GLY C 89 -26.35 10.91 23.65
N ILE C 90 -26.85 12.04 24.16
CA ILE C 90 -28.31 12.30 24.10
C ILE C 90 -28.75 12.24 22.64
N VAL C 91 -28.14 13.06 21.78
CA VAL C 91 -28.55 13.11 20.36
C VAL C 91 -28.39 11.72 19.76
N LEU C 92 -27.24 11.05 19.96
CA LEU C 92 -27.15 9.72 19.36
C LEU C 92 -28.32 8.85 19.77
N LEU C 93 -28.74 8.92 21.04
CA LEU C 93 -29.91 8.17 21.48
C LEU C 93 -31.17 8.62 20.76
N ALA C 94 -31.34 9.93 20.60
CA ALA C 94 -32.50 10.44 19.88
C ALA C 94 -32.49 9.97 18.43
N THR C 95 -31.31 9.98 17.80
CA THR C 95 -31.19 9.50 16.42
C THR C 95 -31.51 8.01 16.34
N LEU C 96 -31.04 7.23 17.31
CA LEU C 96 -31.36 5.80 17.33
C LEU C 96 -32.86 5.58 17.46
N PHE C 97 -33.51 6.33 18.34
CA PHE C 97 -34.95 6.18 18.51
C PHE C 97 -35.71 6.57 17.25
N TYR C 98 -35.30 7.65 16.60
CA TYR C 98 -35.98 8.09 15.39
C TYR C 98 -35.61 7.26 14.16
N ALA C 99 -34.55 6.45 14.24
CA ALA C 99 -34.23 5.56 13.13
C ALA C 99 -35.31 4.50 12.94
N PHE C 100 -35.78 3.92 14.04
CA PHE C 100 -36.80 2.89 13.96
C PHE C 100 -38.20 3.46 13.76
N LYS C 101 -38.32 4.78 13.95
CA LYS C 101 -39.60 5.51 13.71
C LYS C 101 -39.48 6.27 12.39
N ARG C 102 -40.23 5.84 11.36
CA ARG C 102 -40.22 6.47 10.02
C ARG C 102 -38.81 6.48 9.42
N GLY C 103 -38.06 5.38 9.58
CA GLY C 103 -36.69 5.29 9.03
C GLY C 103 -36.52 4.04 8.18
N THR C 104 -35.57 4.04 7.24
CA THR C 104 -35.34 2.88 6.39
C THR C 104 -34.45 1.87 7.10
N SER C 105 -34.24 0.72 6.45
CA SER C 105 -33.40 -0.32 7.02
C SER C 105 -31.95 0.10 7.11
N PHE C 106 -31.48 0.90 6.14
CA PHE C 106 -30.10 1.36 6.15
C PHE C 106 -29.81 2.18 7.40
N VAL C 107 -30.71 3.10 7.73
CA VAL C 107 -30.50 3.96 8.90
C VAL C 107 -30.56 3.16 10.19
N LYS C 108 -31.44 2.17 10.25
CA LYS C 108 -31.52 1.32 11.44
C LYS C 108 -30.22 0.55 11.62
N LYS C 109 -29.72 -0.05 10.53
CA LYS C 109 -28.48 -0.81 10.62
C LYS C 109 -27.31 0.09 11.00
N ALA C 110 -27.25 1.27 10.38
CA ALA C 110 -26.15 2.22 10.67
C ALA C 110 -26.18 2.55 12.17
N LEU C 111 -27.33 2.99 12.67
CA LEU C 111 -27.45 3.32 14.12
C LEU C 111 -27.00 2.12 14.95
N VAL C 112 -27.52 0.92 14.64
CA VAL C 112 -27.17 -0.26 15.42
C VAL C 112 -25.65 -0.44 15.45
N PHE C 113 -25.00 -0.14 14.34
CA PHE C 113 -23.53 -0.37 14.31
C PHE C 113 -22.84 0.73 15.12
N ILE C 114 -23.42 1.94 15.14
CA ILE C 114 -22.85 3.01 15.96
C ILE C 114 -22.99 2.68 17.44
N PHE C 115 -24.16 2.19 17.85
CA PHE C 115 -24.35 1.90 19.26
C PHE C 115 -23.63 0.63 19.69
N ILE C 116 -23.42 -0.33 18.78
CA ILE C 116 -22.55 -1.45 19.10
C ILE C 116 -21.14 -0.97 19.35
N ALA C 117 -20.65 -0.04 18.53
CA ALA C 117 -19.33 0.54 18.75
C ALA C 117 -19.27 1.29 20.07
N LEU C 118 -20.33 2.01 20.42
CA LEU C 118 -20.38 2.71 21.70
C LEU C 118 -20.35 1.74 22.86
N ILE C 119 -21.08 0.63 22.76
CA ILE C 119 -21.05 -0.39 23.81
C ILE C 119 -19.66 -1.00 23.91
N LEU C 120 -19.00 -1.21 22.78
CA LEU C 120 -17.63 -1.70 22.79
C LEU C 120 -16.69 -0.72 23.49
N GLU C 121 -16.86 0.58 23.23
CA GLU C 121 -16.05 1.57 23.93
C GLU C 121 -16.32 1.53 25.43
N ALA C 122 -17.58 1.39 25.83
CA ALA C 122 -17.90 1.30 27.25
C ALA C 122 -17.24 0.08 27.89
N LEU C 123 -17.29 -1.06 27.19
CA LEU C 123 -16.62 -2.26 27.71
C LEU C 123 -15.12 -2.06 27.80
N LEU C 124 -14.52 -1.40 26.81
CA LEU C 124 -13.09 -1.08 26.90
C LEU C 124 -12.80 -0.18 28.09
N GLY C 125 -13.75 0.67 28.47
CA GLY C 125 -13.60 1.43 29.70
C GLY C 125 -13.47 0.54 30.92
N MET C 126 -14.24 -0.55 30.95
CA MET C 126 -14.11 -1.54 32.01
C MET C 126 -12.85 -2.37 31.80
N ARG C 127 -11.79 -2.03 32.53
CA ARG C 127 -10.48 -2.62 32.30
C ARG C 127 -10.24 -3.68 33.36
N VAL C 128 -11.18 -4.65 33.41
CA VAL C 128 -11.05 -5.78 34.36
C VAL C 128 -9.70 -6.38 34.03
N VAL C 129 -8.92 -6.73 35.05
CA VAL C 129 -7.57 -7.21 34.82
C VAL C 129 -7.55 -8.61 34.24
N ILE C 130 -7.09 -8.73 32.99
CA ILE C 130 -6.99 -10.07 32.34
C ILE C 130 -5.72 -10.75 32.86
N THR C 131 -4.56 -10.10 32.67
CA THR C 131 -3.28 -10.66 33.18
C THR C 131 -2.42 -9.51 33.71
N GLU C 132 -1.71 -9.73 34.84
CA GLU C 132 -0.88 -8.66 35.44
C GLU C 132 0.51 -8.68 34.78
N ALA C 133 0.73 -9.58 33.82
CA ALA C 133 2.02 -9.63 33.11
C ALA C 133 2.35 -8.22 32.59
N PRO C 134 3.49 -7.61 32.99
CA PRO C 134 3.80 -6.24 32.59
C PRO C 134 3.76 -6.09 31.07
N LEU C 135 4.41 -7.01 30.34
CA LEU C 135 4.41 -6.95 28.86
C LEU C 135 2.98 -6.99 28.32
N LEU C 136 2.23 -8.05 28.63
CA LEU C 136 0.86 -8.16 28.17
C LEU C 136 -0.04 -7.08 28.75
N ARG C 137 0.29 -6.55 29.92
CA ARG C 137 -0.42 -5.39 30.44
C ARG C 137 -0.21 -4.15 29.57
N GLU C 138 1.06 -3.87 29.25
CA GLU C 138 1.36 -2.68 28.42
C GLU C 138 0.68 -2.85 27.05
N LEU C 139 0.85 -4.02 26.43
CA LEU C 139 0.23 -4.30 25.12
C LEU C 139 -1.28 -4.03 25.21
N LEU C 140 -1.94 -4.64 26.21
CA LEU C 140 -3.38 -4.48 26.32
C LEU C 140 -3.77 -3.02 26.55
N HIS C 141 -2.94 -2.26 27.25
CA HIS C 141 -3.18 -0.83 27.38
C HIS C 141 -3.13 -0.15 26.01
N TYR C 142 -2.12 -0.51 25.20
CA TYR C 142 -2.05 0.01 23.84
C TYR C 142 -3.29 -0.39 23.04
N VAL C 143 -3.73 -1.64 23.19
CA VAL C 143 -4.88 -2.13 22.44
C VAL C 143 -6.12 -1.34 22.81
N TYR C 144 -6.34 -1.12 24.11
CA TYR C 144 -7.51 -0.36 24.55
C TYR C 144 -7.47 1.06 24.01
N THR C 145 -6.32 1.72 24.17
CA THR C 145 -6.22 3.12 23.75
C THR C 145 -6.41 3.27 22.25
N SER C 146 -5.83 2.37 21.46
CA SER C 146 -5.99 2.44 20.02
C SER C 146 -7.40 2.09 19.59
N ALA C 147 -8.00 1.08 20.24
CA ALA C 147 -9.34 0.63 19.86
C ALA C 147 -10.38 1.69 20.14
N HIS C 148 -10.20 2.48 21.21
CA HIS C 148 -11.12 3.59 21.44
C HIS C 148 -11.17 4.53 20.25
N LEU C 149 -10.01 4.95 19.76
CA LEU C 149 -9.97 5.87 18.62
C LEU C 149 -10.45 5.19 17.34
N ILE C 150 -10.15 3.91 17.15
CA ILE C 150 -10.61 3.20 15.97
C ILE C 150 -12.14 3.16 15.95
N LEU C 151 -12.75 2.88 17.10
CA LEU C 151 -14.20 2.86 17.19
C LEU C 151 -14.78 4.26 16.98
N SER C 152 -14.09 5.29 17.49
CA SER C 152 -14.55 6.66 17.25
C SER C 152 -14.55 6.99 15.76
N VAL C 153 -13.48 6.61 15.06
CA VAL C 153 -13.40 6.87 13.63
C VAL C 153 -14.47 6.09 12.88
N PHE C 154 -14.71 4.84 13.27
CA PHE C 154 -15.77 4.07 12.65
C PHE C 154 -17.13 4.72 12.85
N ILE C 155 -17.40 5.21 14.06
CA ILE C 155 -18.67 5.88 14.34
C ILE C 155 -18.81 7.13 13.47
N LEU C 156 -17.74 7.92 13.37
CA LEU C 156 -17.81 9.14 12.55
C LEU C 156 -18.07 8.81 11.10
N SER C 157 -17.37 7.80 10.56
CA SER C 157 -17.57 7.43 9.16
C SER C 157 -18.99 6.92 8.93
N THR C 158 -19.49 6.07 9.82
CA THR C 158 -20.84 5.53 9.66
C THR C 158 -21.89 6.62 9.73
N ILE C 159 -21.73 7.55 10.68
CA ILE C 159 -22.73 8.60 10.82
C ILE C 159 -22.66 9.57 9.64
N THR C 160 -21.48 9.78 9.07
CA THR C 160 -21.40 10.64 7.88
C THR C 160 -22.06 9.97 6.68
N ILE C 161 -21.86 8.66 6.51
CA ILE C 161 -22.53 7.95 5.43
C ILE C 161 -24.05 7.97 5.64
N THR C 162 -24.49 7.82 6.89
CA THR C 162 -25.91 7.92 7.18
C THR C 162 -26.47 9.30 6.87
N TYR C 163 -25.72 10.34 7.21
CA TYR C 163 -26.15 11.71 6.91
C TYR C 163 -26.26 11.93 5.41
N TYR C 164 -25.34 11.35 4.63
CA TYR C 164 -25.51 11.40 3.19
C TYR C 164 -26.76 10.63 2.77
N TYR C 165 -27.02 9.50 3.40
CA TYR C 165 -28.14 8.66 2.98
C TYR C 165 -29.47 9.35 3.19
N VAL C 166 -29.63 10.05 4.32
CA VAL C 166 -30.91 10.71 4.59
C VAL C 166 -31.18 11.81 3.58
N LYS C 167 -30.13 12.54 3.17
CA LYS C 167 -30.25 13.41 2.01
C LYS C 167 -30.23 12.57 0.73
N PHE C 168 -30.61 13.21 -0.37
CA PHE C 168 -30.59 12.56 -1.69
C PHE C 168 -31.38 11.26 -1.70
N PHE C 169 -32.30 11.08 -0.74
CA PHE C 169 -32.98 9.79 -0.59
C PHE C 169 -33.79 9.45 -1.83
N GLY C 170 -34.51 10.41 -2.38
CA GLY C 170 -35.23 10.19 -3.61
C GLY C 170 -34.46 10.62 -4.83
N GLU C 171 -33.38 11.38 -4.60
CA GLU C 171 -32.58 11.92 -5.69
C GLU C 171 -31.67 10.85 -6.26
N ARG C 172 -31.19 11.10 -7.47
CA ARG C 172 -30.21 10.22 -8.09
C ARG C 172 -28.82 10.53 -7.53
N PRO C 173 -28.12 9.55 -6.98
CA PRO C 173 -26.84 9.85 -6.30
C PRO C 173 -25.72 10.15 -7.27
N LYS C 174 -25.62 11.42 -7.70
CA LYS C 174 -24.52 11.82 -8.56
C LYS C 174 -23.20 11.69 -7.82
N GLU C 175 -22.14 11.34 -8.56
CA GLU C 175 -20.82 11.13 -7.91
C GLU C 175 -20.12 12.47 -7.70
N TYR C 176 -19.00 12.48 -6.96
CA TYR C 176 -18.27 13.74 -6.67
C TYR C 176 -16.82 13.62 -7.16
N ILE C 177 -16.19 12.47 -6.93
CA ILE C 177 -14.76 12.27 -7.33
C ILE C 177 -14.64 10.93 -8.08
N PRO C 178 -13.67 10.77 -9.01
CA PRO C 178 -13.55 9.54 -9.80
C PRO C 178 -13.23 8.29 -8.96
N TYR C 179 -12.40 8.44 -7.92
CA TYR C 179 -11.98 7.25 -7.13
C TYR C 179 -12.24 7.51 -5.64
N ALA C 180 -13.50 7.48 -5.22
CA ALA C 180 -13.86 7.70 -3.80
C ALA C 180 -13.51 6.45 -2.98
N ASP C 181 -13.81 5.27 -3.52
CA ASP C 181 -13.58 4.00 -2.77
C ASP C 181 -12.10 3.81 -2.40
N ALA C 182 -11.22 3.79 -3.41
CA ALA C 182 -9.80 3.59 -3.17
C ALA C 182 -9.28 4.71 -2.27
N LEU C 183 -9.75 5.94 -2.51
CA LEU C 183 -9.38 7.05 -1.65
C LEU C 183 -9.85 6.82 -0.21
N TYR C 184 -11.07 6.31 -0.05
CA TYR C 184 -11.59 6.04 1.29
C TYR C 184 -10.73 5.01 2.01
N VAL C 185 -10.40 3.92 1.32
CA VAL C 185 -9.63 2.85 1.96
C VAL C 185 -8.23 3.33 2.32
N ALA C 186 -7.58 4.03 1.39
CA ALA C 186 -6.23 4.53 1.65
C ALA C 186 -6.23 5.55 2.79
N THR C 187 -7.23 6.44 2.81
CA THR C 187 -7.32 7.41 3.88
C THR C 187 -7.56 6.75 5.22
N MET C 188 -8.42 5.73 5.26
CA MET C 188 -8.67 5.05 6.52
C MET C 188 -7.43 4.33 7.01
N PHE C 189 -6.64 3.75 6.09
CA PHE C 189 -5.38 3.14 6.50
C PHE C 189 -4.42 4.18 7.05
N GLN C 190 -4.38 5.37 6.44
CA GLN C 190 -3.53 6.43 6.97
C GLN C 190 -4.00 6.89 8.35
N ILE C 191 -5.31 6.97 8.56
CA ILE C 191 -5.84 7.33 9.87
C ILE C 191 -5.45 6.28 10.90
N LEU C 192 -5.53 5.00 10.52
CA LEU C 192 -5.10 3.93 11.41
C LEU C 192 -3.62 4.06 11.76
N LEU C 193 -2.80 4.40 10.76
CA LEU C 193 -1.38 4.62 11.02
C LEU C 193 -1.17 5.77 12.01
N GLY C 194 -1.92 6.85 11.83
CA GLY C 194 -1.80 7.98 12.76
C GLY C 194 -2.21 7.60 14.16
N ILE C 195 -3.27 6.83 14.30
CA ILE C 195 -3.71 6.37 15.62
C ILE C 195 -2.62 5.51 16.26
N PHE C 196 -2.01 4.62 15.48
CA PHE C 196 -0.95 3.79 16.02
C PHE C 196 0.25 4.63 16.46
N VAL C 197 0.60 5.66 15.68
CA VAL C 197 1.69 6.54 16.06
C VAL C 197 1.35 7.24 17.37
N ARG C 198 0.11 7.71 17.49
CA ARG C 198 -0.29 8.46 18.68
C ARG C 198 -0.28 7.59 19.93
N TYR C 199 -0.78 6.36 19.84
CA TYR C 199 -1.06 5.58 21.03
C TYR C 199 -0.16 4.37 21.24
N VAL C 200 0.25 3.71 20.16
CA VAL C 200 1.11 2.49 20.29
C VAL C 200 2.55 2.92 20.57
N LYS C 201 2.97 2.92 21.84
CA LYS C 201 4.33 3.38 22.21
C LYS C 201 5.24 2.17 22.40
N ALA C 202 5.31 1.27 21.41
CA ALA C 202 6.19 0.09 21.50
C ALA C 202 7.63 0.47 21.16
N LEU C 203 7.90 1.77 21.02
CA LEU C 203 9.28 2.25 20.73
C LEU C 203 9.88 1.84 19.39
N GLU C 204 10.02 0.53 19.13
CA GLU C 204 10.70 0.09 17.89
C GLU C 204 9.53 0.16 16.92
N TYR C 205 8.31 -0.35 17.42
CA TYR C 205 7.19 -0.32 16.48
C TYR C 205 6.65 1.09 16.31
N ASN C 206 6.73 1.91 17.35
CA ASN C 206 6.28 3.30 17.21
C ASN C 206 7.13 4.05 16.19
N GLN C 207 8.45 3.85 16.24
CA GLN C 207 9.31 4.48 15.24
C GLN C 207 8.97 3.97 13.83
N PHE C 208 8.79 2.66 13.70
CA PHE C 208 8.44 2.09 12.39
C PHE C 208 7.14 2.69 11.87
N VAL C 209 6.11 2.74 12.72
CA VAL C 209 4.81 3.18 12.24
C VAL C 209 4.81 4.67 11.98
N TYR C 210 5.63 5.44 12.72
CA TYR C 210 5.77 6.86 12.40
C TYR C 210 6.41 7.07 11.03
N TYR C 211 7.47 6.31 10.75
CA TYR C 211 8.08 6.40 9.43
C TYR C 211 7.22 5.87 8.29
N LEU C 212 6.26 5.00 8.63
CA LEU C 212 5.37 4.44 7.61
C LEU C 212 4.27 5.48 7.40
N HIS C 213 3.88 6.16 8.48
CA HIS C 213 2.86 7.21 8.37
C HIS C 213 3.33 8.36 7.50
N ILE C 214 4.52 8.88 7.82
CA ILE C 214 5.05 10.06 7.05
C ILE C 214 5.28 9.66 5.59
N THR C 215 5.58 8.39 5.33
CA THR C 215 5.88 7.94 3.94
C THR C 215 4.58 7.68 3.19
N TYR C 216 3.60 7.05 3.83
CA TYR C 216 2.31 6.80 3.19
C TYR C 216 1.53 8.09 2.94
N ALA C 217 1.87 9.16 3.67
CA ALA C 217 1.32 10.46 3.30
C ALA C 217 1.65 10.80 1.85
N GLY C 218 2.84 10.41 1.37
CA GLY C 218 3.18 10.64 -0.02
C GLY C 218 2.30 9.86 -0.97
N PHE C 219 1.98 8.62 -0.62
CA PHE C 219 1.05 7.84 -1.44
C PHE C 219 -0.32 8.52 -1.49
N LEU C 220 -0.77 9.05 -0.35
CA LEU C 220 -2.04 9.76 -0.34
C LEU C 220 -2.01 10.98 -1.23
N VAL C 221 -0.89 11.72 -1.20
CA VAL C 221 -0.76 12.91 -2.05
C VAL C 221 -0.80 12.51 -3.53
N ILE C 222 -0.07 11.45 -3.88
CA ILE C 222 -0.05 10.99 -5.27
C ILE C 222 -1.44 10.57 -5.71
N LEU C 223 -2.15 9.84 -4.86
CA LEU C 223 -3.50 9.38 -5.20
C LEU C 223 -4.46 10.57 -5.37
N SER C 224 -4.36 11.56 -4.50
CA SER C 224 -5.20 12.74 -4.63
C SER C 224 -4.89 13.52 -5.90
N LEU C 225 -3.60 13.63 -6.24
CA LEU C 225 -3.21 14.29 -7.48
C LEU C 225 -3.77 13.55 -8.69
N PHE C 226 -3.70 12.22 -8.69
CA PHE C 226 -4.23 11.46 -9.81
C PHE C 226 -5.74 11.58 -9.90
N ILE C 227 -6.44 11.56 -8.86
CA ILE C 227 -7.87 11.80 -8.76
C ILE C 227 -8.23 13.17 -9.34
N MET C 228 -7.47 14.20 -8.94
CA MET C 228 -7.70 15.52 -9.49
C MET C 228 -7.44 15.58 -10.99
N PHE C 229 -6.42 14.85 -11.45
CA PHE C 229 -6.15 14.78 -12.88
C PHE C 229 -7.26 14.05 -13.63
N LYS C 230 -7.79 12.96 -13.05
CA LYS C 230 -8.82 12.18 -13.72
C LYS C 230 -10.10 12.99 -13.92
N GLU C 231 -10.49 13.77 -12.92
CA GLU C 231 -11.66 14.62 -13.03
C GLU C 231 -11.48 15.79 -12.07
N PHE C 232 -11.21 16.98 -12.62
CA PHE C 232 -10.98 18.17 -11.80
C PHE C 232 -12.30 18.88 -11.55
N ASN C 233 -12.69 18.95 -10.28
CA ASN C 233 -13.83 19.75 -9.85
C ASN C 233 -13.46 20.34 -8.49
N LYS C 234 -14.46 20.93 -7.81
CA LYS C 234 -14.18 21.50 -6.50
C LYS C 234 -13.87 20.42 -5.47
N TYR C 235 -14.49 19.25 -5.60
CA TYR C 235 -14.27 18.19 -4.62
C TYR C 235 -12.87 17.62 -4.71
N SER C 236 -12.35 17.40 -5.91
CA SER C 236 -10.99 16.91 -6.06
C SER C 236 -9.98 17.92 -5.54
N LEU C 237 -10.19 19.20 -5.84
CA LEU C 237 -9.30 20.24 -5.35
C LEU C 237 -9.33 20.31 -3.83
N ILE C 238 -10.53 20.22 -3.23
CA ILE C 238 -10.64 20.28 -1.79
C ILE C 238 -9.98 19.06 -1.14
N THR C 239 -10.11 17.89 -1.77
CA THR C 239 -9.45 16.69 -1.26
C THR C 239 -7.92 16.86 -1.27
N PHE C 240 -7.38 17.34 -2.39
CA PHE C 240 -5.94 17.55 -2.47
C PHE C 240 -5.48 18.60 -1.47
N LEU C 241 -6.25 19.68 -1.31
CA LEU C 241 -5.88 20.73 -0.37
C LEU C 241 -5.95 20.23 1.06
N LEU C 242 -6.92 19.39 1.39
CA LEU C 242 -7.00 18.81 2.72
C LEU C 242 -5.81 17.91 2.99
N MET C 243 -5.43 17.07 2.02
CA MET C 243 -4.25 16.24 2.19
C MET C 243 -3.08 17.17 2.47
N THR C 244 -2.77 18.06 1.53
CA THR C 244 -1.66 19.00 1.72
C THR C 244 -1.65 19.82 3.00
N ALA C 245 -2.82 20.15 3.54
CA ALA C 245 -2.89 20.93 4.76
C ALA C 245 -2.59 20.00 5.93
N GLN C 246 -3.07 18.76 5.86
CA GLN C 246 -2.77 17.79 6.91
C GLN C 246 -1.30 17.41 6.94
N ILE C 247 -0.71 17.24 5.79
CA ILE C 247 0.73 16.84 5.68
C ILE C 247 1.50 18.02 6.27
N LEU C 248 1.36 19.20 5.69
CA LEU C 248 2.02 20.42 6.24
C LEU C 248 1.88 20.48 7.75
N ALA C 249 0.65 20.33 8.26
CA ALA C 249 0.42 20.43 9.72
C ALA C 249 1.21 19.33 10.43
N GLY C 250 1.11 18.09 9.95
CA GLY C 250 1.87 16.98 10.55
C GLY C 250 3.35 17.32 10.64
N VAL C 251 3.94 17.77 9.53
CA VAL C 251 5.39 18.13 9.51
C VAL C 251 5.63 19.20 10.58
N ALA C 252 4.87 20.29 10.54
CA ALA C 252 5.04 21.39 11.53
C ALA C 252 5.07 20.79 12.94
N THR C 253 4.01 20.09 13.31
CA THR C 253 3.99 19.42 14.64
C THR C 253 5.37 18.82 14.90
N VAL C 254 5.93 18.12 13.90
CA VAL C 254 7.27 17.49 14.07
C VAL C 254 8.45 18.47 13.91
N ILE C 255 8.32 19.50 13.06
CA ILE C 255 9.45 20.42 12.80
C ILE C 255 9.96 20.93 14.15
N SER C 256 9.05 21.35 15.03
CA SER C 256 9.46 21.90 16.36
C SER C 256 8.74 21.17 17.50
N GLY C 257 9.42 20.23 18.16
CA GLY C 257 8.83 19.53 19.33
C GLY C 257 7.42 19.03 19.09
N PHE C 258 6.47 19.43 19.94
CA PHE C 258 5.05 19.00 19.80
C PHE C 258 4.14 20.17 20.21
N PHE C 259 4.33 21.35 19.61
CA PHE C 259 3.53 22.54 20.02
C PHE C 259 2.05 22.15 20.10
N LEU C 260 1.34 22.51 21.18
CA LEU C 260 -0.06 22.03 21.24
C LEU C 260 -0.86 22.58 20.05
N PRO C 261 -0.83 23.90 19.73
CA PRO C 261 -1.68 24.39 18.63
C PRO C 261 -1.46 23.64 17.31
N TYR C 262 -0.21 23.32 16.97
CA TYR C 262 0.08 22.57 15.72
C TYR C 262 -0.51 21.16 15.83
N LEU C 263 -0.27 20.52 16.98
CA LEU C 263 -0.78 19.15 17.26
C LEU C 263 -2.30 19.13 17.15
N PHE C 264 -2.97 20.19 17.59
CA PHE C 264 -4.46 20.27 17.54
C PHE C 264 -4.89 20.37 16.08
N LEU C 265 -4.41 21.38 15.36
CA LEU C 265 -4.83 21.57 13.98
C LEU C 265 -4.69 20.28 13.19
N HIS C 266 -3.60 19.53 13.44
CA HIS C 266 -3.40 18.26 12.79
C HIS C 266 -4.53 17.28 13.12
N ILE C 267 -4.89 17.19 14.40
CA ILE C 267 -5.97 16.30 14.81
C ILE C 267 -7.29 16.70 14.16
N ALA C 268 -7.59 18.00 14.19
CA ALA C 268 -8.85 18.48 13.62
C ALA C 268 -8.92 18.18 12.12
N ILE C 269 -7.83 18.45 11.40
CA ILE C 269 -7.82 18.22 9.96
C ILE C 269 -7.91 16.72 9.66
N GLY C 270 -7.26 15.88 10.46
CA GLY C 270 -7.35 14.46 10.23
C GLY C 270 -8.76 13.92 10.39
N PHE C 271 -9.44 14.33 11.46
CA PHE C 271 -10.80 13.86 11.65
C PHE C 271 -11.76 14.44 10.62
N PHE C 272 -11.52 15.69 10.19
CA PHE C 272 -12.36 16.20 9.11
C PHE C 272 -12.08 15.46 7.81
N ILE C 273 -10.84 15.05 7.57
CA ILE C 273 -10.55 14.19 6.42
C ILE C 273 -11.29 12.87 6.47
N VAL C 274 -11.39 12.29 7.68
CA VAL C 274 -12.22 11.09 7.85
C VAL C 274 -13.65 11.37 7.41
N LEU C 275 -14.22 12.46 7.92
CA LEU C 275 -15.60 12.83 7.57
C LEU C 275 -15.73 13.07 6.07
N TRP C 276 -14.75 13.77 5.49
CA TRP C 276 -14.79 14.15 4.08
C TRP C 276 -14.74 12.93 3.18
N VAL C 277 -13.85 11.98 3.46
CA VAL C 277 -13.76 10.80 2.62
C VAL C 277 -14.98 9.91 2.79
N SER C 278 -15.55 9.86 4.00
CA SER C 278 -16.81 9.12 4.18
C SER C 278 -17.91 9.73 3.32
N TYR C 279 -18.03 11.06 3.34
CA TYR C 279 -19.07 11.72 2.56
C TYR C 279 -18.84 11.53 1.07
N LEU C 280 -17.57 11.54 0.64
CA LEU C 280 -17.27 11.35 -0.78
C LEU C 280 -17.49 9.92 -1.26
N VAL C 281 -17.26 8.96 -0.35
CA VAL C 281 -17.46 7.52 -0.73
C VAL C 281 -18.94 7.14 -0.72
N ALA C 282 -19.75 7.80 0.12
CA ALA C 282 -21.16 7.42 0.22
C ALA C 282 -21.89 7.33 -1.12
N PRO C 283 -21.79 8.29 -2.03
CA PRO C 283 -22.52 8.14 -3.31
C PRO C 283 -22.11 7.00 -4.21
N SER C 284 -20.85 6.57 -4.13
CA SER C 284 -20.34 5.47 -4.97
C SER C 284 -20.98 4.16 -4.50
N VAL C 285 -21.06 3.96 -3.18
CA VAL C 285 -21.62 2.71 -2.63
C VAL C 285 -23.15 2.74 -2.77
N LEU C 286 -23.77 3.90 -2.52
CA LEU C 286 -25.22 3.96 -2.55
C LEU C 286 -25.80 3.99 -3.96
N LYS C 287 -24.98 4.20 -4.99
CA LYS C 287 -25.50 4.22 -6.35
C LYS C 287 -26.06 2.86 -6.76
N THR C 288 -25.64 1.77 -6.10
CA THR C 288 -26.11 0.44 -6.42
C THR C 288 -27.31 0.02 -5.57
N TYR C 289 -27.84 0.94 -4.77
CA TYR C 289 -29.01 0.65 -3.94
C TYR C 289 -30.27 1.09 -4.65
N THR C 290 -31.41 0.90 -3.99
CA THR C 290 -32.70 1.27 -4.53
C THR C 290 -33.30 2.40 -3.71
N GLU C 291 -33.94 3.34 -4.39
CA GLU C 291 -34.59 4.49 -3.74
C GLU C 291 -33.59 5.31 -2.95
#